data_7B25
#
_entry.id   7B25
#
_cell.length_a   192.656
_cell.length_b   110.856
_cell.length_c   86.752
_cell.angle_alpha   90.000
_cell.angle_beta   116.850
_cell.angle_gamma   90.000
#
_symmetry.space_group_name_H-M   'C 1 2 1'
#
loop_
_entity.id
_entity.type
_entity.pdbx_description
1 polymer 'DtxR family iron (Metal) dependent repressor'
2 polymer 'consensus DNA-binding sequence'
3 polymer 'consensus DNA-binding sequence'
4 non-polymer 'COBALT (II) ION'
5 water water
#
loop_
_entity_poly.entity_id
_entity_poly.type
_entity_poly.pdbx_seq_one_letter_code
_entity_poly.pdbx_strand_id
1 'polypeptide(L)'
;GHMNDLIDTTEMYLRTIYDLEEEGVVPLRARIAERLEQSGPTVSATVARMERDGLLTVAEDRHLELTKAGRARAISVMRK
HRLAERLLVDVIGLEWEQVHLEACRWEHVMSEAVERKLVKLLGNPTTSPYGNPIPGLDELGVGDSVEPVDTDLRRVDEVA
RSGGGRALVCRIAEHVQLDPDLMSELKKVGVVPGNEIDIVAVAGVNKPIQVQGSEGGTQLQPGIAHAVMVRVK
;
A,B,C,D,aa,dd
2 'polydeoxyribonucleotide'
;(DC)(DG)(DT)(DA)(DC)(DT)(DT)(DA)(DG)(DG)(DT)(DT)(DA)(DG)(DC)(DC)(DT)(DA)(DA)(DC)
(DC)(DT)(DA)(DA)(DG)(DT)(DA)(DC)(DG)
;
E
3 'polydeoxyribonucleotide'
;(DC)(DG)(DT)(DA)(DC)(DT)(DT)(DA)(DG)(DG)(DT)(DT)(DA)(DG)(DG)(DC)(DT)(DA)(DA)(DC)
(DC)(DT)(DA)(DA)(DG)(DT)(DA)(DC)(DG)
;
F
#
# COMPACT_ATOMS: atom_id res chain seq x y z
N ASP A 5 -10.85 13.22 14.80
CA ASP A 5 -10.69 14.26 15.85
C ASP A 5 -10.44 15.63 15.22
N LEU A 6 -9.30 15.84 14.52
CA LEU A 6 -8.95 17.11 13.81
C LEU A 6 -9.60 17.15 12.43
N ILE A 7 -9.97 15.97 11.88
CA ILE A 7 -10.62 15.78 10.54
C ILE A 7 -9.54 15.84 9.46
N ASP A 8 -8.81 16.95 9.41
CA ASP A 8 -7.65 17.18 8.50
C ASP A 8 -6.50 17.75 9.32
N THR A 9 -5.45 16.94 9.54
CA THR A 9 -4.24 17.28 10.33
C THR A 9 -3.55 18.50 9.71
N THR A 10 -3.26 18.43 8.41
CA THR A 10 -2.51 19.46 7.66
C THR A 10 -3.20 20.83 7.79
N GLU A 11 -4.49 20.88 7.47
CA GLU A 11 -5.30 22.13 7.48
C GLU A 11 -5.29 22.74 8.89
N MET A 12 -5.34 21.90 9.93
CA MET A 12 -5.43 22.36 11.34
C MET A 12 -4.06 22.91 11.78
N TYR A 13 -2.96 22.30 11.33
CA TYR A 13 -1.59 22.79 11.58
C TYR A 13 -1.44 24.17 10.93
N LEU A 14 -1.88 24.30 9.68
CA LEU A 14 -1.82 25.57 8.91
C LEU A 14 -2.61 26.64 9.65
N ARG A 15 -3.85 26.35 10.04
CA ARG A 15 -4.77 27.35 10.66
C ARG A 15 -4.23 27.73 12.04
N THR A 16 -3.64 26.77 12.78
CA THR A 16 -3.03 26.99 14.11
C THR A 16 -1.87 27.98 13.97
N ILE A 17 -1.05 27.84 12.93
CA ILE A 17 0.09 28.76 12.64
C ILE A 17 -0.48 30.14 12.32
N TYR A 18 -1.58 30.19 11.58
CA TYR A 18 -2.31 31.43 11.20
C TYR A 18 -2.86 32.11 12.45
N ASP A 19 -3.52 31.34 13.32
CA ASP A 19 -4.04 31.79 14.64
C ASP A 19 -2.92 32.50 15.41
N LEU A 20 -1.76 31.86 15.53
CA LEU A 20 -0.61 32.35 16.33
C LEU A 20 -0.13 33.68 15.75
N GLU A 21 -0.11 33.82 14.42
CA GLU A 21 0.29 35.08 13.71
C GLU A 21 -0.71 36.19 14.05
N GLU A 22 -2.01 35.88 14.04
CA GLU A 22 -3.11 36.85 14.38
C GLU A 22 -2.97 37.30 15.84
N GLU A 23 -2.53 36.40 16.72
CA GLU A 23 -2.37 36.67 18.18
C GLU A 23 -1.02 37.36 18.44
N GLY A 24 -0.19 37.56 17.42
CA GLY A 24 1.16 38.14 17.55
C GLY A 24 2.05 37.27 18.42
N VAL A 25 1.94 35.95 18.28
CA VAL A 25 2.76 34.93 19.00
C VAL A 25 3.72 34.33 17.98
N VAL A 26 4.92 33.94 18.43
CA VAL A 26 5.96 33.29 17.59
C VAL A 26 5.50 31.86 17.32
N PRO A 27 5.19 31.49 16.05
CA PRO A 27 4.68 30.16 15.74
C PRO A 27 5.81 29.11 15.81
N LEU A 28 6.00 28.52 17.00
CA LEU A 28 6.91 27.38 17.23
C LEU A 28 6.08 26.09 17.23
N ARG A 29 6.74 24.95 17.04
CA ARG A 29 6.12 23.60 17.09
C ARG A 29 5.57 23.37 18.50
N ALA A 30 6.26 23.88 19.52
CA ALA A 30 5.84 23.80 20.95
C ALA A 30 4.43 24.38 21.10
N ARG A 31 4.10 25.45 20.37
CA ARG A 31 2.77 26.11 20.42
C ARG A 31 1.70 25.17 19.87
N ILE A 32 2.01 24.45 18.78
CA ILE A 32 1.06 23.53 18.10
C ILE A 32 0.77 22.34 19.02
N ALA A 33 1.81 21.81 19.68
CA ALA A 33 1.72 20.70 20.65
C ALA A 33 0.70 21.05 21.73
N GLU A 34 0.82 22.25 22.32
CA GLU A 34 -0.10 22.77 23.37
C GLU A 34 -1.51 22.85 22.80
N ARG A 35 -1.66 23.60 21.70
CA ARG A 35 -2.97 24.01 21.13
C ARG A 35 -3.77 22.77 20.71
N LEU A 36 -3.14 21.86 19.97
CA LEU A 36 -3.80 20.66 19.40
C LEU A 36 -3.63 19.45 20.33
N GLU A 37 -2.96 19.62 21.47
CA GLU A 37 -2.77 18.57 22.52
C GLU A 37 -2.17 17.32 21.85
N GLN A 38 -1.02 17.49 21.19
CA GLN A 38 -0.25 16.40 20.54
C GLN A 38 1.17 16.41 21.11
N SER A 39 1.85 15.26 21.08
CA SER A 39 3.23 15.11 21.61
C SER A 39 4.21 15.88 20.72
N GLY A 40 5.34 16.31 21.28
CA GLY A 40 6.42 16.99 20.55
C GLY A 40 6.85 16.21 19.31
N PRO A 41 7.21 14.91 19.47
CA PRO A 41 7.59 14.07 18.32
C PRO A 41 6.55 14.08 17.19
N THR A 42 5.27 13.98 17.52
CA THR A 42 4.14 14.00 16.55
C THR A 42 4.22 15.29 15.73
N VAL A 43 4.34 16.43 16.41
CA VAL A 43 4.28 17.78 15.77
C VAL A 43 5.48 17.95 14.84
N SER A 44 6.68 17.59 15.29
CA SER A 44 7.93 17.70 14.51
C SER A 44 7.82 16.85 13.23
N ALA A 45 7.32 15.63 13.37
CA ALA A 45 7.13 14.66 12.25
C ALA A 45 6.13 15.22 11.24
N THR A 46 5.01 15.74 11.72
CA THR A 46 3.91 16.30 10.87
C THR A 46 4.39 17.58 10.20
N VAL A 47 5.15 18.42 10.91
CA VAL A 47 5.71 19.69 10.35
C VAL A 47 6.75 19.35 9.29
N ALA A 48 7.58 18.32 9.52
CA ALA A 48 8.59 17.83 8.56
C ALA A 48 7.90 17.36 7.28
N ARG A 49 6.75 16.70 7.42
CA ARG A 49 5.93 16.18 6.31
C ARG A 49 5.35 17.35 5.51
N MET A 50 4.93 18.41 6.20
CA MET A 50 4.37 19.65 5.57
C MET A 50 5.51 20.45 4.92
N GLU A 51 6.70 20.42 5.51
CA GLU A 51 7.92 21.07 4.94
C GLU A 51 8.26 20.36 3.63
N ARG A 52 8.28 19.03 3.65
CA ARG A 52 8.57 18.16 2.48
C ARG A 52 7.56 18.43 1.37
N ASP A 53 6.30 18.67 1.71
CA ASP A 53 5.20 18.93 0.75
C ASP A 53 5.17 20.40 0.35
N GLY A 54 6.02 21.23 0.96
CA GLY A 54 6.27 22.63 0.55
C GLY A 54 5.16 23.57 1.00
N LEU A 55 4.62 23.33 2.19
CA LEU A 55 3.55 24.16 2.82
C LEU A 55 4.15 25.10 3.88
N LEU A 56 5.35 24.80 4.38
CA LEU A 56 6.09 25.70 5.30
C LEU A 56 7.59 25.37 5.30
N THR A 57 8.38 26.19 5.99
CA THR A 57 9.83 25.99 6.24
C THR A 57 10.12 26.31 7.70
N VAL A 58 11.02 25.55 8.31
CA VAL A 58 11.54 25.83 9.68
C VAL A 58 12.73 26.78 9.50
N ALA A 59 12.63 27.99 10.07
CA ALA A 59 13.63 29.07 9.97
C ALA A 59 14.87 28.71 10.80
N GLU A 60 15.85 29.61 10.84
CA GLU A 60 17.08 29.47 11.68
C GLU A 60 16.70 29.57 13.16
N ASP A 61 15.84 30.53 13.50
CA ASP A 61 15.34 30.78 14.88
C ASP A 61 14.20 29.81 15.21
N ARG A 62 13.86 28.92 14.25
CA ARG A 62 13.02 27.71 14.40
C ARG A 62 11.52 28.05 14.43
N HIS A 63 11.15 29.29 14.13
CA HIS A 63 9.74 29.69 13.95
C HIS A 63 9.27 29.18 12.59
N LEU A 64 8.00 28.75 12.52
CA LEU A 64 7.42 28.14 11.31
C LEU A 64 6.99 29.26 10.35
N GLU A 65 7.50 29.22 9.12
CA GLU A 65 7.20 30.20 8.05
C GLU A 65 6.37 29.49 6.98
N LEU A 66 5.12 29.91 6.78
CA LEU A 66 4.23 29.37 5.73
C LEU A 66 4.79 29.78 4.37
N THR A 67 4.82 28.85 3.41
CA THR A 67 5.17 29.13 1.99
C THR A 67 3.99 29.85 1.33
N LYS A 68 4.16 30.29 0.10
CA LYS A 68 3.09 30.87 -0.75
C LYS A 68 1.89 29.92 -0.73
N ALA A 69 2.12 28.63 -1.00
CA ALA A 69 1.09 27.58 -1.08
C ALA A 69 0.48 27.34 0.30
N GLY A 70 1.32 27.31 1.34
CA GLY A 70 0.92 27.11 2.74
C GLY A 70 -0.03 28.20 3.20
N ARG A 71 0.33 29.46 2.94
CA ARG A 71 -0.47 30.65 3.34
C ARG A 71 -1.80 30.62 2.59
N ALA A 72 -1.76 30.34 1.27
CA ALA A 72 -2.94 30.26 0.39
C ALA A 72 -3.94 29.25 0.94
N ARG A 73 -3.45 28.11 1.42
CA ARG A 73 -4.26 27.00 2.00
C ARG A 73 -4.78 27.40 3.38
N ALA A 74 -3.92 28.03 4.20
CA ALA A 74 -4.27 28.49 5.57
C ALA A 74 -5.41 29.50 5.49
N ILE A 75 -5.31 30.46 4.55
CA ILE A 75 -6.33 31.52 4.32
C ILE A 75 -7.64 30.84 3.92
N SER A 76 -7.56 29.94 2.95
CA SER A 76 -8.71 29.12 2.45
C SER A 76 -9.46 28.50 3.62
N VAL A 77 -8.74 27.84 4.53
CA VAL A 77 -9.34 27.12 5.71
C VAL A 77 -9.99 28.15 6.64
N MET A 78 -9.28 29.24 6.95
CA MET A 78 -9.75 30.29 7.89
C MET A 78 -10.99 30.96 7.32
N ARG A 79 -11.00 31.23 6.01
CA ARG A 79 -12.14 31.85 5.29
C ARG A 79 -13.38 30.97 5.46
N LYS A 80 -13.24 29.67 5.17
CA LYS A 80 -14.31 28.66 5.33
C LYS A 80 -14.80 28.65 6.78
N HIS A 81 -13.87 28.71 7.73
CA HIS A 81 -14.14 28.69 9.19
C HIS A 81 -15.09 29.83 9.57
N ARG A 82 -14.76 31.05 9.15
CA ARG A 82 -15.45 32.28 9.63
C ARG A 82 -16.76 32.48 8.85
N LEU A 83 -16.83 32.00 7.60
CA LEU A 83 -18.10 31.98 6.83
C LEU A 83 -19.05 30.98 7.47
N ALA A 84 -18.54 29.82 7.90
CA ALA A 84 -19.30 28.79 8.62
C ALA A 84 -19.87 29.38 9.91
N GLU A 85 -19.02 30.08 10.67
CA GLU A 85 -19.39 30.74 11.95
C GLU A 85 -20.55 31.72 11.69
N ARG A 86 -20.43 32.54 10.65
CA ARG A 86 -21.48 33.51 10.24
C ARG A 86 -22.80 32.77 10.01
N LEU A 87 -22.77 31.74 9.17
CA LEU A 87 -23.95 30.90 8.83
C LEU A 87 -24.56 30.35 10.13
N LEU A 88 -23.73 29.78 11.00
CA LEU A 88 -24.17 29.06 12.23
C LEU A 88 -24.88 30.03 13.17
N VAL A 89 -24.42 31.28 13.26
CA VAL A 89 -24.95 32.33 14.19
C VAL A 89 -26.17 33.00 13.54
N ASP A 90 -26.00 33.56 12.35
CA ASP A 90 -26.97 34.50 11.72
C ASP A 90 -28.19 33.74 11.17
N VAL A 91 -28.00 32.51 10.68
CA VAL A 91 -29.02 31.76 9.90
C VAL A 91 -29.52 30.57 10.73
N ILE A 92 -28.63 29.68 11.14
CA ILE A 92 -28.98 28.38 11.82
C ILE A 92 -29.36 28.65 13.28
N GLY A 93 -28.70 29.63 13.91
CA GLY A 93 -28.99 30.05 15.30
C GLY A 93 -28.42 29.11 16.34
N LEU A 94 -27.26 28.51 16.05
CA LEU A 94 -26.49 27.70 17.02
C LEU A 94 -25.96 28.64 18.12
N GLU A 95 -25.89 28.16 19.36
CA GLU A 95 -25.53 28.97 20.56
C GLU A 95 -24.12 29.53 20.38
N TRP A 96 -23.91 30.79 20.78
CA TRP A 96 -22.70 31.63 20.55
C TRP A 96 -21.42 30.88 20.95
N GLU A 97 -21.47 30.09 22.02
CA GLU A 97 -20.28 29.43 22.63
C GLU A 97 -19.94 28.12 21.89
N GLN A 98 -20.90 27.49 21.22
CA GLN A 98 -20.72 26.17 20.56
C GLN A 98 -20.29 26.32 19.11
N VAL A 99 -20.38 27.53 18.55
CA VAL A 99 -20.26 27.79 17.08
C VAL A 99 -18.84 27.45 16.61
N HIS A 100 -17.81 27.93 17.30
CA HIS A 100 -16.39 27.78 16.90
C HIS A 100 -16.06 26.29 16.69
N LEU A 101 -16.39 25.44 17.66
CA LEU A 101 -16.04 23.99 17.64
C LEU A 101 -16.70 23.35 16.42
N GLU A 102 -17.95 23.71 16.12
CA GLU A 102 -18.69 23.23 14.92
C GLU A 102 -17.94 23.70 13.67
N ALA A 103 -17.66 25.01 13.59
CA ALA A 103 -16.99 25.69 12.45
C ALA A 103 -15.57 25.14 12.24
N CYS A 104 -14.92 24.68 13.33
CA CYS A 104 -13.56 24.08 13.29
C CYS A 104 -13.57 22.74 12.54
N ARG A 105 -14.73 22.07 12.46
CA ARG A 105 -14.89 20.82 11.69
C ARG A 105 -15.34 21.15 10.26
N TRP A 106 -16.29 22.07 10.12
CA TRP A 106 -16.93 22.45 8.83
C TRP A 106 -15.90 23.06 7.87
N GLU A 107 -14.88 23.72 8.41
CA GLU A 107 -13.83 24.42 7.61
C GLU A 107 -13.13 23.42 6.67
N HIS A 108 -13.15 22.13 6.99
CA HIS A 108 -12.37 21.09 6.27
C HIS A 108 -13.18 20.47 5.13
N VAL A 109 -14.50 20.68 5.08
CA VAL A 109 -15.41 19.98 4.13
C VAL A 109 -16.07 20.96 3.15
N MET A 110 -16.04 22.27 3.43
CA MET A 110 -16.74 23.29 2.62
C MET A 110 -15.98 23.53 1.32
N SER A 111 -16.69 23.47 0.19
CA SER A 111 -16.19 23.83 -1.16
C SER A 111 -16.22 25.34 -1.31
N GLU A 112 -15.42 25.89 -2.24
CA GLU A 112 -15.48 27.32 -2.64
C GLU A 112 -16.88 27.62 -3.19
N ALA A 113 -17.48 26.66 -3.89
CA ALA A 113 -18.84 26.77 -4.48
C ALA A 113 -19.82 27.23 -3.40
N VAL A 114 -19.79 26.59 -2.23
CA VAL A 114 -20.68 26.92 -1.07
C VAL A 114 -20.26 28.27 -0.49
N GLU A 115 -18.96 28.50 -0.34
CA GLU A 115 -18.42 29.78 0.18
C GLU A 115 -19.07 30.94 -0.58
N ARG A 116 -19.07 30.87 -1.93
CA ARG A 116 -19.60 31.95 -2.82
C ARG A 116 -21.10 32.13 -2.58
N LYS A 117 -21.83 31.03 -2.31
CA LYS A 117 -23.27 31.07 -2.00
C LYS A 117 -23.48 31.70 -0.62
N LEU A 118 -22.60 31.41 0.34
CA LEU A 118 -22.72 31.95 1.72
C LEU A 118 -22.45 33.45 1.71
N VAL A 119 -21.49 33.90 0.89
CA VAL A 119 -21.14 35.34 0.72
C VAL A 119 -22.42 36.09 0.32
N LYS A 120 -23.15 35.59 -0.68
CA LYS A 120 -24.42 36.19 -1.17
C LYS A 120 -25.47 36.16 -0.07
N LEU A 121 -25.68 34.99 0.55
CA LEU A 121 -26.71 34.75 1.61
C LEU A 121 -26.49 35.69 2.79
N LEU A 122 -25.24 35.88 3.21
CA LEU A 122 -24.87 36.61 4.45
C LEU A 122 -24.59 38.09 4.15
N GLY A 123 -24.72 38.50 2.88
CA GLY A 123 -24.59 39.91 2.45
C GLY A 123 -23.16 40.41 2.50
N ASN A 124 -22.23 39.64 1.91
CA ASN A 124 -20.78 39.99 1.79
C ASN A 124 -20.21 40.37 3.15
N PRO A 125 -20.20 39.44 4.14
CA PRO A 125 -19.64 39.71 5.45
C PRO A 125 -18.12 39.82 5.36
N THR A 126 -17.52 40.70 6.16
CA THR A 126 -16.05 40.96 6.18
C THR A 126 -15.43 40.46 7.48
N THR A 127 -16.25 40.20 8.52
CA THR A 127 -15.77 39.72 9.83
C THR A 127 -16.60 38.52 10.27
N SER A 128 -16.04 37.68 11.13
CA SER A 128 -16.74 36.57 11.82
C SER A 128 -17.66 37.18 12.88
N PRO A 129 -18.55 36.38 13.50
CA PRO A 129 -19.36 36.86 14.63
C PRO A 129 -18.56 37.30 15.87
N TYR A 130 -17.26 36.97 15.92
CA TYR A 130 -16.33 37.29 17.02
C TYR A 130 -15.39 38.42 16.59
N GLY A 131 -15.70 39.09 15.48
CA GLY A 131 -15.06 40.36 15.04
C GLY A 131 -13.78 40.13 14.24
N ASN A 132 -13.40 38.86 14.03
CA ASN A 132 -12.15 38.49 13.33
C ASN A 132 -12.36 38.67 11.83
N PRO A 133 -11.50 39.44 11.12
CA PRO A 133 -11.66 39.66 9.69
C PRO A 133 -11.62 38.33 8.93
N ILE A 134 -12.45 38.23 7.89
CA ILE A 134 -12.49 37.07 6.95
C ILE A 134 -11.49 37.34 5.84
N PRO A 135 -10.39 36.56 5.76
CA PRO A 135 -9.38 36.76 4.73
C PRO A 135 -9.72 36.00 3.44
N GLY A 136 -9.01 36.33 2.36
CA GLY A 136 -9.02 35.58 1.10
C GLY A 136 -10.36 35.64 0.38
N LEU A 137 -11.16 36.68 0.64
CA LEU A 137 -12.42 36.93 -0.11
C LEU A 137 -12.09 37.32 -1.55
N ASP A 138 -10.91 37.92 -1.76
CA ASP A 138 -10.34 38.22 -3.10
C ASP A 138 -10.27 36.92 -3.91
N GLU A 139 -9.79 35.83 -3.29
CA GLU A 139 -9.55 34.51 -3.93
C GLU A 139 -10.87 33.80 -4.26
N LEU A 140 -11.98 34.22 -3.66
CA LEU A 140 -13.35 33.74 -4.00
C LEU A 140 -13.88 34.54 -5.20
N GLY A 141 -13.42 35.77 -5.36
CA GLY A 141 -13.82 36.67 -6.46
C GLY A 141 -14.87 37.68 -6.02
N VAL A 142 -15.08 37.83 -4.71
CA VAL A 142 -16.14 38.69 -4.11
C VAL A 142 -15.48 39.93 -3.51
N ASP B 5 -11.39 11.44 -1.31
CA ASP B 5 -11.27 11.25 0.16
C ASP B 5 -12.67 11.04 0.76
N LEU B 6 -12.80 10.05 1.66
CA LEU B 6 -14.07 9.64 2.31
C LEU B 6 -14.32 10.47 3.57
N ILE B 7 -13.26 11.04 4.16
CA ILE B 7 -13.30 11.86 5.42
C ILE B 7 -13.39 10.92 6.63
N ASP B 8 -14.43 10.06 6.66
CA ASP B 8 -14.62 9.00 7.68
C ASP B 8 -14.97 7.70 6.94
N THR B 9 -14.03 6.75 6.94
CA THR B 9 -14.14 5.43 6.25
C THR B 9 -15.33 4.66 6.82
N THR B 10 -15.38 4.51 8.14
CA THR B 10 -16.41 3.72 8.88
C THR B 10 -17.81 4.22 8.51
N GLU B 11 -18.05 5.51 8.68
CA GLU B 11 -19.37 6.15 8.44
C GLU B 11 -19.80 5.93 6.98
N MET B 12 -18.86 5.97 6.04
CA MET B 12 -19.16 5.85 4.58
C MET B 12 -19.50 4.40 4.24
N TYR B 13 -18.82 3.44 4.88
CA TYR B 13 -19.12 2.00 4.73
C TYR B 13 -20.55 1.75 5.23
N LEU B 14 -20.87 2.28 6.40
CA LEU B 14 -22.22 2.14 7.03
C LEU B 14 -23.28 2.71 6.10
N ARG B 15 -23.08 3.95 5.61
CA ARG B 15 -24.08 4.66 4.79
C ARG B 15 -24.22 3.96 3.43
N THR B 16 -23.13 3.41 2.90
CA THR B 16 -23.13 2.65 1.61
C THR B 16 -23.98 1.39 1.76
N ILE B 17 -23.87 0.69 2.90
CA ILE B 17 -24.71 -0.51 3.23
C ILE B 17 -26.17 -0.08 3.30
N TYR B 18 -26.44 1.08 3.92
CA TYR B 18 -27.80 1.67 4.08
C TYR B 18 -28.38 1.98 2.69
N ASP B 19 -27.58 2.66 1.85
CA ASP B 19 -27.91 3.00 0.43
C ASP B 19 -28.36 1.73 -0.31
N LEU B 20 -27.58 0.64 -0.19
CA LEU B 20 -27.83 -0.64 -0.90
C LEU B 20 -29.17 -1.23 -0.45
N GLU B 21 -29.48 -1.14 0.85
CA GLU B 21 -30.77 -1.61 1.44
C GLU B 21 -31.92 -0.80 0.83
N GLU B 22 -31.77 0.53 0.73
CA GLU B 22 -32.79 1.44 0.16
C GLU B 22 -32.99 1.16 -1.33
N GLU B 23 -31.94 0.71 -2.04
CA GLU B 23 -31.98 0.38 -3.50
C GLU B 23 -32.45 -1.07 -3.70
N GLY B 24 -32.69 -1.81 -2.61
CA GLY B 24 -33.10 -3.22 -2.64
C GLY B 24 -32.04 -4.09 -3.27
N VAL B 25 -30.77 -3.80 -2.98
CA VAL B 25 -29.59 -4.55 -3.47
C VAL B 25 -29.04 -5.33 -2.28
N VAL B 26 -28.48 -6.51 -2.54
CA VAL B 26 -27.84 -7.37 -1.51
C VAL B 26 -26.52 -6.71 -1.12
N PRO B 27 -26.36 -6.22 0.13
CA PRO B 27 -25.15 -5.52 0.53
C PRO B 27 -23.96 -6.48 0.67
N LEU B 28 -23.23 -6.69 -0.43
CA LEU B 28 -21.96 -7.46 -0.48
C LEU B 28 -20.77 -6.49 -0.42
N ARG B 29 -19.60 -6.98 -0.01
CA ARG B 29 -18.33 -6.21 0.00
C ARG B 29 -18.00 -5.78 -1.43
N ALA B 30 -18.31 -6.62 -2.43
CA ALA B 30 -18.13 -6.33 -3.87
C ALA B 30 -18.84 -5.03 -4.24
N ARG B 31 -20.00 -4.76 -3.64
CA ARG B 31 -20.80 -3.53 -3.89
C ARG B 31 -20.05 -2.31 -3.35
N ILE B 32 -19.45 -2.43 -2.16
CA ILE B 32 -18.73 -1.31 -1.50
C ILE B 32 -17.48 -0.97 -2.31
N ALA B 33 -16.76 -1.99 -2.78
CA ALA B 33 -15.55 -1.87 -3.64
C ALA B 33 -15.88 -1.01 -4.86
N GLU B 34 -16.97 -1.34 -5.57
CA GLU B 34 -17.47 -0.59 -6.75
C GLU B 34 -17.76 0.85 -6.34
N ARG B 35 -18.64 1.03 -5.36
CA ARG B 35 -19.27 2.32 -4.98
C ARG B 35 -18.18 3.29 -4.52
N LEU B 36 -17.30 2.86 -3.61
CA LEU B 36 -16.27 3.73 -3.00
C LEU B 36 -14.95 3.62 -3.76
N GLU B 37 -14.92 2.82 -4.83
CA GLU B 37 -13.74 2.65 -5.73
C GLU B 37 -12.52 2.26 -4.88
N GLN B 38 -12.65 1.16 -4.13
CA GLN B 38 -11.57 0.59 -3.29
C GLN B 38 -11.35 -0.87 -3.67
N SER B 39 -10.15 -1.40 -3.42
CA SER B 39 -9.76 -2.79 -3.78
C SER B 39 -10.51 -3.76 -2.87
N GLY B 40 -10.72 -4.99 -3.35
CA GLY B 40 -11.35 -6.08 -2.58
C GLY B 40 -10.69 -6.26 -1.21
N PRO B 41 -9.35 -6.47 -1.17
CA PRO B 41 -8.63 -6.59 0.10
C PRO B 41 -8.88 -5.45 1.08
N THR B 42 -8.91 -4.20 0.60
CA THR B 42 -9.16 -3.00 1.43
C THR B 42 -10.52 -3.16 2.12
N VAL B 43 -11.55 -3.49 1.34
CA VAL B 43 -12.97 -3.54 1.82
C VAL B 43 -13.09 -4.65 2.88
N SER B 44 -12.55 -5.83 2.61
CA SER B 44 -12.61 -7.01 3.52
C SER B 44 -11.96 -6.65 4.85
N ALA B 45 -10.79 -6.00 4.81
CA ALA B 45 -10.00 -5.60 6.00
C ALA B 45 -10.76 -4.55 6.80
N THR B 46 -11.36 -3.56 6.14
CA THR B 46 -12.12 -2.47 6.78
C THR B 46 -13.42 -3.04 7.39
N VAL B 47 -14.08 -3.96 6.68
CA VAL B 47 -15.32 -4.62 7.15
C VAL B 47 -15.00 -5.49 8.37
N ALA B 48 -13.87 -6.20 8.34
CA ALA B 48 -13.38 -7.04 9.46
C ALA B 48 -13.14 -6.15 10.69
N ARG B 49 -12.62 -4.94 10.48
CA ARG B 49 -12.33 -3.94 11.54
C ARG B 49 -13.64 -3.43 12.15
N MET B 50 -14.66 -3.23 11.30
CA MET B 50 -16.01 -2.78 11.72
C MET B 50 -16.73 -3.94 12.42
N GLU B 51 -16.55 -5.17 11.94
CA GLU B 51 -17.10 -6.41 12.58
C GLU B 51 -16.52 -6.54 13.99
N ARG B 52 -15.21 -6.38 14.13
CA ARG B 52 -14.47 -6.43 15.42
C ARG B 52 -15.05 -5.37 16.38
N ASP B 53 -15.37 -4.19 15.87
CA ASP B 53 -15.90 -3.04 16.66
C ASP B 53 -17.42 -3.19 16.86
N GLY B 54 -18.04 -4.20 16.25
CA GLY B 54 -19.43 -4.61 16.51
C GLY B 54 -20.44 -3.71 15.84
N LEU B 55 -20.13 -3.23 14.63
CA LEU B 55 -21.00 -2.35 13.80
C LEU B 55 -21.72 -3.17 12.73
N LEU B 56 -21.24 -4.37 12.41
CA LEU B 56 -21.91 -5.30 11.46
C LEU B 56 -21.38 -6.73 11.66
N THR B 57 -21.98 -7.69 10.95
CA THR B 57 -21.55 -9.11 10.88
C THR B 57 -21.64 -9.58 9.43
N VAL B 58 -20.68 -10.42 9.00
CA VAL B 58 -20.67 -11.09 7.67
C VAL B 58 -21.44 -12.40 7.82
N ALA B 59 -22.55 -12.56 7.09
CA ALA B 59 -23.40 -13.76 7.12
C ALA B 59 -22.68 -14.92 6.42
N GLU B 60 -23.32 -16.10 6.35
CA GLU B 60 -22.78 -17.29 5.63
C GLU B 60 -22.85 -17.04 4.11
N ASP B 61 -23.96 -16.45 3.64
CA ASP B 61 -24.18 -16.08 2.23
C ASP B 61 -23.41 -14.79 1.89
N ARG B 62 -22.70 -14.24 2.88
CA ARG B 62 -21.62 -13.21 2.76
C ARG B 62 -22.20 -11.81 2.67
N HIS B 63 -23.53 -11.63 2.77
CA HIS B 63 -24.18 -10.31 2.79
C HIS B 63 -23.93 -9.66 4.15
N LEU B 64 -23.69 -8.35 4.15
CA LEU B 64 -23.34 -7.56 5.36
C LEU B 64 -24.63 -7.21 6.12
N GLU B 65 -24.66 -7.54 7.42
CA GLU B 65 -25.80 -7.29 8.34
C GLU B 65 -25.36 -6.27 9.39
N LEU B 66 -25.96 -5.07 9.40
CA LEU B 66 -25.70 -4.03 10.43
C LEU B 66 -26.19 -4.53 11.79
N THR B 67 -25.40 -4.32 12.85
CA THR B 67 -25.81 -4.55 14.25
C THR B 67 -26.73 -3.40 14.69
N LYS B 68 -27.29 -3.50 15.90
CA LYS B 68 -28.12 -2.43 16.52
C LYS B 68 -27.34 -1.13 16.47
N ALA B 69 -26.09 -1.14 16.94
CA ALA B 69 -25.17 0.01 16.99
C ALA B 69 -24.85 0.49 15.56
N GLY B 70 -24.59 -0.45 14.65
CA GLY B 70 -24.27 -0.17 13.23
C GLY B 70 -25.40 0.59 12.56
N ARG B 71 -26.64 0.11 12.71
CA ARG B 71 -27.85 0.72 12.11
C ARG B 71 -28.07 2.12 12.69
N ALA B 72 -27.93 2.25 14.01
CA ALA B 72 -28.07 3.52 14.75
C ALA B 72 -27.10 4.56 14.19
N ARG B 73 -25.85 4.16 13.94
CA ARG B 73 -24.76 5.03 13.43
C ARG B 73 -25.04 5.37 11.96
N ALA B 74 -25.47 4.38 11.17
CA ALA B 74 -25.79 4.51 9.73
C ALA B 74 -26.91 5.54 9.56
N ILE B 75 -27.96 5.41 10.37
CA ILE B 75 -29.13 6.33 10.36
C ILE B 75 -28.63 7.75 10.71
N SER B 76 -27.87 7.89 11.79
CA SER B 76 -27.27 9.15 12.24
C SER B 76 -26.57 9.87 11.07
N VAL B 77 -25.73 9.15 10.33
CA VAL B 77 -24.95 9.70 9.17
C VAL B 77 -25.92 10.11 8.06
N MET B 78 -26.88 9.25 7.70
CA MET B 78 -27.85 9.47 6.61
C MET B 78 -28.72 10.68 6.96
N ARG B 79 -29.12 10.81 8.23
CA ARG B 79 -29.95 11.93 8.75
C ARG B 79 -29.20 13.24 8.52
N LYS B 80 -27.95 13.30 8.97
CA LYS B 80 -27.03 14.46 8.80
C LYS B 80 -26.92 14.79 7.30
N HIS B 81 -26.77 13.76 6.46
CA HIS B 81 -26.60 13.89 4.99
C HIS B 81 -27.79 14.64 4.39
N ARG B 82 -29.01 14.19 4.70
CA ARG B 82 -30.24 14.67 4.02
C ARG B 82 -30.68 16.01 4.62
N LEU B 83 -30.36 16.27 5.90
CA LEU B 83 -30.58 17.61 6.52
C LEU B 83 -29.63 18.61 5.87
N ALA B 84 -28.38 18.21 5.64
CA ALA B 84 -27.36 19.02 4.95
C ALA B 84 -27.86 19.36 3.54
N GLU B 85 -28.34 18.36 2.82
CA GLU B 85 -28.89 18.52 1.44
C GLU B 85 -30.04 19.53 1.46
N ARG B 86 -30.96 19.39 2.42
CA ARG B 86 -32.10 20.34 2.61
C ARG B 86 -31.55 21.76 2.79
N LEU B 87 -30.62 21.94 3.74
CA LEU B 87 -29.99 23.25 4.05
C LEU B 87 -29.37 23.82 2.78
N LEU B 88 -28.60 23.00 2.05
CA LEU B 88 -27.81 23.43 0.87
C LEU B 88 -28.75 23.91 -0.25
N VAL B 89 -29.89 23.24 -0.42
CA VAL B 89 -30.87 23.55 -1.51
C VAL B 89 -31.77 24.71 -1.08
N ASP B 90 -32.40 24.61 0.10
CA ASP B 90 -33.54 25.48 0.52
C ASP B 90 -33.03 26.84 1.02
N VAL B 91 -31.85 26.87 1.65
CA VAL B 91 -31.34 28.06 2.39
C VAL B 91 -30.12 28.65 1.66
N ILE B 92 -29.08 27.85 1.42
CA ILE B 92 -27.78 28.30 0.84
C ILE B 92 -27.94 28.51 -0.67
N GLY B 93 -28.72 27.66 -1.33
CA GLY B 93 -29.05 27.77 -2.76
C GLY B 93 -27.93 27.20 -3.64
N LEU B 94 -27.22 26.19 -3.16
CA LEU B 94 -26.18 25.48 -3.96
C LEU B 94 -26.90 24.72 -5.07
N GLU B 95 -26.27 24.63 -6.25
CA GLU B 95 -26.88 24.07 -7.49
C GLU B 95 -27.25 22.60 -7.24
N TRP B 96 -28.39 22.19 -7.76
CA TRP B 96 -29.06 20.89 -7.51
C TRP B 96 -28.08 19.72 -7.70
N GLU B 97 -27.20 19.79 -8.70
CA GLU B 97 -26.31 18.68 -9.13
C GLU B 97 -25.05 18.59 -8.26
N GLN B 98 -24.72 19.66 -7.53
CA GLN B 98 -23.47 19.74 -6.72
C GLN B 98 -23.74 19.36 -5.25
N VAL B 99 -25.01 19.33 -4.84
CA VAL B 99 -25.44 19.29 -3.40
C VAL B 99 -24.99 17.98 -2.74
N HIS B 100 -25.23 16.84 -3.38
CA HIS B 100 -24.96 15.50 -2.79
C HIS B 100 -23.50 15.40 -2.36
N LEU B 101 -22.57 15.73 -3.27
CA LEU B 101 -21.11 15.59 -3.06
C LEU B 101 -20.70 16.43 -1.84
N GLU B 102 -21.26 17.63 -1.74
CA GLU B 102 -21.04 18.55 -0.59
C GLU B 102 -21.56 17.86 0.68
N ALA B 103 -22.81 17.41 0.65
CA ALA B 103 -23.55 16.78 1.78
C ALA B 103 -22.83 15.49 2.22
N CYS B 104 -22.18 14.81 1.28
CA CYS B 104 -21.45 13.53 1.52
C CYS B 104 -20.22 13.76 2.40
N ARG B 105 -19.69 14.99 2.40
CA ARG B 105 -18.58 15.40 3.29
C ARG B 105 -19.14 15.92 4.61
N TRP B 106 -20.19 16.76 4.55
CA TRP B 106 -20.80 17.47 5.71
C TRP B 106 -21.38 16.46 6.71
N GLU B 107 -21.87 15.32 6.23
CA GLU B 107 -22.53 14.28 7.05
C GLU B 107 -21.59 13.80 8.16
N HIS B 108 -20.27 13.96 7.99
CA HIS B 108 -19.24 13.38 8.90
C HIS B 108 -18.86 14.37 10.00
N VAL B 109 -19.20 15.65 9.86
CA VAL B 109 -18.72 16.74 10.76
C VAL B 109 -19.88 17.37 11.55
N MET B 110 -21.13 17.17 11.14
CA MET B 110 -22.31 17.81 11.77
C MET B 110 -22.61 17.14 13.12
N SER B 111 -22.79 17.96 14.16
CA SER B 111 -23.22 17.55 15.52
C SER B 111 -24.74 17.40 15.54
N GLU B 112 -25.28 16.62 16.49
CA GLU B 112 -26.75 16.54 16.76
C GLU B 112 -27.25 17.94 17.12
N ALA B 113 -26.45 18.72 17.84
CA ALA B 113 -26.76 20.10 18.26
C ALA B 113 -27.23 20.91 17.05
N VAL B 114 -26.47 20.86 15.95
CA VAL B 114 -26.76 21.60 14.68
C VAL B 114 -27.98 20.96 14.02
N GLU B 115 -28.03 19.63 13.98
CA GLU B 115 -29.17 18.88 13.39
C GLU B 115 -30.48 19.44 13.95
N ARG B 116 -30.57 19.56 15.28
CA ARG B 116 -31.77 20.04 16.00
C ARG B 116 -32.10 21.47 15.56
N LYS B 117 -31.08 22.30 15.34
CA LYS B 117 -31.25 23.71 14.89
C LYS B 117 -31.71 23.73 13.44
N LEU B 118 -31.24 22.79 12.61
CA LEU B 118 -31.62 22.69 11.17
C LEU B 118 -33.07 22.22 11.06
N VAL B 119 -33.49 21.29 11.92
CA VAL B 119 -34.89 20.77 11.97
C VAL B 119 -35.85 21.95 12.14
N LYS B 120 -35.59 22.83 13.10
CA LYS B 120 -36.41 24.04 13.38
C LYS B 120 -36.35 24.99 12.16
N LEU B 121 -35.15 25.28 11.66
CA LEU B 121 -34.91 26.24 10.54
C LEU B 121 -35.66 25.77 9.28
N LEU B 122 -35.66 24.47 9.00
CA LEU B 122 -36.17 23.88 7.73
C LEU B 122 -37.61 23.40 7.90
N GLY B 123 -38.20 23.58 9.09
CA GLY B 123 -39.62 23.31 9.38
C GLY B 123 -39.93 21.83 9.44
N ASN B 124 -39.11 21.06 10.19
CA ASN B 124 -39.27 19.60 10.44
C ASN B 124 -39.41 18.85 9.12
N PRO B 125 -38.38 18.90 8.24
CA PRO B 125 -38.43 18.20 6.95
C PRO B 125 -38.35 16.68 7.16
N THR B 126 -39.05 15.93 6.30
CA THR B 126 -39.19 14.46 6.37
C THR B 126 -38.49 13.77 5.19
N THR B 127 -38.19 14.49 4.11
CA THR B 127 -37.51 13.94 2.90
C THR B 127 -36.39 14.88 2.45
N SER B 128 -35.38 14.33 1.76
CA SER B 128 -34.29 15.09 1.12
C SER B 128 -34.82 15.78 -0.13
N PRO B 129 -34.06 16.71 -0.76
CA PRO B 129 -34.47 17.34 -2.01
C PRO B 129 -34.60 16.38 -3.19
N TYR B 130 -34.14 15.12 -3.03
CA TYR B 130 -34.19 14.05 -4.05
C TYR B 130 -35.27 13.02 -3.69
N GLY B 131 -36.09 13.33 -2.68
CA GLY B 131 -37.32 12.58 -2.36
C GLY B 131 -37.09 11.46 -1.36
N ASN B 132 -35.86 11.28 -0.90
CA ASN B 132 -35.47 10.16 0.02
C ASN B 132 -35.87 10.53 1.44
N PRO B 133 -36.58 9.64 2.17
CA PRO B 133 -37.01 9.94 3.54
C PRO B 133 -35.82 10.13 4.49
N ILE B 134 -35.94 11.09 5.42
CA ILE B 134 -34.92 11.41 6.47
C ILE B 134 -35.19 10.54 7.69
N PRO B 135 -34.32 9.55 8.01
CA PRO B 135 -34.53 8.68 9.15
C PRO B 135 -33.97 9.26 10.47
N GLY B 136 -34.27 8.59 11.59
CA GLY B 136 -33.66 8.85 12.91
C GLY B 136 -34.04 10.20 13.48
N LEU B 137 -35.15 10.81 13.02
CA LEU B 137 -35.65 12.09 13.56
C LEU B 137 -36.17 11.87 14.99
N ASP B 138 -36.64 10.66 15.30
CA ASP B 138 -37.05 10.23 16.66
C ASP B 138 -35.87 10.45 17.64
N GLU B 139 -34.67 10.08 17.21
CA GLU B 139 -33.42 10.10 18.02
C GLU B 139 -32.95 11.55 18.23
N LEU B 140 -33.39 12.49 17.40
CA LEU B 140 -33.16 13.94 17.58
C LEU B 140 -34.16 14.52 18.60
N GLY B 141 -35.31 13.87 18.79
CA GLY B 141 -36.37 14.35 19.69
C GLY B 141 -37.28 15.32 18.97
N VAL B 142 -37.61 14.97 17.72
CA VAL B 142 -38.60 15.70 16.88
C VAL B 142 -40.01 15.15 17.17
N SER B 145 -44.72 12.40 13.30
CA SER B 145 -45.17 12.45 11.88
C SER B 145 -45.50 11.03 11.39
N VAL B 146 -46.54 10.91 10.55
CA VAL B 146 -47.03 9.62 9.97
C VAL B 146 -46.14 9.25 8.78
N GLU B 147 -45.56 8.05 8.79
CA GLU B 147 -44.55 7.57 7.81
C GLU B 147 -45.26 7.18 6.51
N PRO B 148 -44.93 7.83 5.36
CA PRO B 148 -45.52 7.45 4.06
C PRO B 148 -45.49 5.95 3.76
N VAL B 149 -46.66 5.39 3.44
CA VAL B 149 -46.78 4.02 2.85
C VAL B 149 -46.21 4.09 1.43
N ASP B 150 -45.03 3.51 1.26
CA ASP B 150 -44.15 3.58 0.07
C ASP B 150 -44.05 2.17 -0.56
N THR B 151 -45.05 1.33 -0.32
CA THR B 151 -45.22 -0.01 -0.96
C THR B 151 -45.69 0.18 -2.40
N ASP B 152 -46.38 1.30 -2.69
CA ASP B 152 -46.93 1.67 -4.01
C ASP B 152 -45.81 2.13 -4.96
N LEU B 153 -44.64 2.48 -4.41
CA LEU B 153 -43.46 2.91 -5.19
C LEU B 153 -42.85 1.70 -5.92
N ARG B 154 -42.48 1.89 -7.19
CA ARG B 154 -41.89 0.84 -8.07
C ARG B 154 -40.67 1.43 -8.80
N ARG B 155 -39.67 0.58 -9.08
CA ARG B 155 -38.38 0.96 -9.70
C ARG B 155 -38.57 1.11 -11.20
N VAL B 156 -37.98 2.14 -11.81
CA VAL B 156 -38.17 2.52 -13.25
C VAL B 156 -37.81 1.33 -14.15
N ASP B 157 -36.77 0.57 -13.79
CA ASP B 157 -36.31 -0.63 -14.56
C ASP B 157 -37.42 -1.69 -14.55
N GLU B 158 -38.02 -1.95 -13.40
CA GLU B 158 -39.05 -3.01 -13.17
C GLU B 158 -40.36 -2.58 -13.87
N VAL B 159 -40.69 -1.29 -13.85
CA VAL B 159 -41.87 -0.71 -14.56
C VAL B 159 -41.67 -0.89 -16.06
N ALA B 160 -40.47 -0.66 -16.57
CA ALA B 160 -40.09 -0.76 -18.01
C ALA B 160 -40.20 -2.21 -18.49
N ARG B 161 -39.70 -3.17 -17.70
CA ARG B 161 -39.71 -4.63 -18.01
C ARG B 161 -41.13 -5.17 -17.90
N SER B 162 -41.99 -4.53 -17.10
CA SER B 162 -43.41 -4.93 -16.87
C SER B 162 -44.34 -4.30 -17.91
N GLY B 163 -43.79 -3.51 -18.85
CA GLY B 163 -44.53 -2.97 -20.00
C GLY B 163 -44.56 -1.45 -20.04
N GLY B 164 -43.82 -0.78 -19.15
CA GLY B 164 -43.68 0.69 -19.11
C GLY B 164 -44.96 1.38 -18.69
N GLY B 165 -45.13 2.65 -19.09
CA GLY B 165 -46.30 3.49 -18.79
C GLY B 165 -45.90 4.82 -18.18
N ARG B 166 -46.88 5.68 -17.89
CA ARG B 166 -46.68 7.01 -17.27
C ARG B 166 -46.55 6.84 -15.75
N ALA B 167 -45.67 7.62 -15.12
CA ALA B 167 -45.40 7.54 -13.66
C ALA B 167 -44.84 8.89 -13.15
N LEU B 168 -45.04 9.15 -11.86
CA LEU B 168 -44.55 10.36 -11.13
C LEU B 168 -43.22 10.00 -10.46
N VAL B 169 -42.16 10.78 -10.74
CA VAL B 169 -40.81 10.62 -10.12
C VAL B 169 -40.93 10.98 -8.64
N CYS B 170 -40.54 10.07 -7.74
CA CYS B 170 -40.68 10.22 -6.28
C CYS B 170 -39.31 10.28 -5.60
N ARG B 171 -38.41 9.35 -5.91
CA ARG B 171 -37.07 9.24 -5.27
C ARG B 171 -35.97 9.09 -6.34
N ILE B 172 -34.88 9.81 -6.18
CA ILE B 172 -33.57 9.57 -6.86
C ILE B 172 -32.57 9.19 -5.77
N ALA B 173 -32.12 7.93 -5.76
CA ALA B 173 -31.27 7.35 -4.70
C ALA B 173 -29.88 8.00 -4.74
N GLU B 174 -29.10 7.78 -3.68
CA GLU B 174 -27.76 8.41 -3.47
C GLU B 174 -26.84 7.96 -4.61
N HIS B 175 -26.92 6.69 -5.00
CA HIS B 175 -26.17 6.07 -6.13
C HIS B 175 -26.21 6.98 -7.37
N VAL B 176 -27.39 7.48 -7.72
CA VAL B 176 -27.63 8.30 -8.95
C VAL B 176 -26.99 9.68 -8.75
N GLN B 177 -27.02 10.20 -7.52
CA GLN B 177 -26.58 11.58 -7.17
C GLN B 177 -25.07 11.71 -7.35
N LEU B 178 -24.33 10.60 -7.32
CA LEU B 178 -22.84 10.57 -7.38
C LEU B 178 -22.33 11.11 -8.72
N ASP B 179 -23.14 11.06 -9.78
CA ASP B 179 -22.79 11.54 -11.14
C ASP B 179 -23.45 12.90 -11.37
N PRO B 180 -22.73 14.03 -11.14
CA PRO B 180 -23.29 15.36 -11.34
C PRO B 180 -23.74 15.64 -12.78
N ASP B 181 -22.93 15.22 -13.77
CA ASP B 181 -23.20 15.43 -15.21
C ASP B 181 -24.55 14.81 -15.57
N LEU B 182 -24.82 13.59 -15.06
CA LEU B 182 -26.10 12.87 -15.24
C LEU B 182 -27.24 13.65 -14.57
N MET B 183 -27.03 14.10 -13.32
CA MET B 183 -28.04 14.84 -12.53
C MET B 183 -28.42 16.14 -13.26
N SER B 184 -27.47 16.77 -13.94
CA SER B 184 -27.68 17.97 -14.81
C SER B 184 -28.57 17.60 -16.00
N GLU B 185 -28.31 16.45 -16.62
CA GLU B 185 -29.09 15.89 -17.75
C GLU B 185 -30.52 15.62 -17.30
N LEU B 186 -30.68 14.97 -16.15
CA LEU B 186 -32.01 14.65 -15.54
C LEU B 186 -32.81 15.93 -15.28
N LYS B 187 -32.17 16.98 -14.74
CA LYS B 187 -32.81 18.28 -14.41
C LYS B 187 -33.30 18.95 -15.70
N LYS B 188 -32.46 18.98 -16.73
CA LYS B 188 -32.74 19.65 -18.03
C LYS B 188 -34.04 19.07 -18.62
N VAL B 189 -34.08 17.76 -18.87
CA VAL B 189 -35.22 17.06 -19.54
C VAL B 189 -36.41 16.98 -18.58
N GLY B 190 -36.15 16.99 -17.26
CA GLY B 190 -37.19 17.15 -16.21
C GLY B 190 -37.54 15.83 -15.52
N VAL B 191 -36.55 14.94 -15.34
CA VAL B 191 -36.68 13.71 -14.49
C VAL B 191 -36.24 14.08 -13.08
N VAL B 192 -37.10 14.81 -12.36
CA VAL B 192 -36.86 15.30 -10.97
C VAL B 192 -38.07 14.93 -10.11
N PRO B 193 -37.93 14.84 -8.78
CA PRO B 193 -39.07 14.58 -7.90
C PRO B 193 -40.26 15.51 -8.18
N GLY B 194 -41.46 14.95 -8.29
CA GLY B 194 -42.72 15.68 -8.47
C GLY B 194 -42.99 16.03 -9.93
N ASN B 195 -42.30 15.36 -10.87
CA ASN B 195 -42.54 15.50 -12.33
C ASN B 195 -43.02 14.16 -12.88
N GLU B 196 -43.97 14.20 -13.82
CA GLU B 196 -44.51 13.01 -14.53
C GLU B 196 -43.55 12.65 -15.67
N ILE B 197 -43.27 11.36 -15.87
CA ILE B 197 -42.43 10.84 -16.99
C ILE B 197 -43.14 9.65 -17.63
N ASP B 198 -42.82 9.37 -18.89
CA ASP B 198 -43.29 8.18 -19.65
C ASP B 198 -42.10 7.22 -19.79
N ILE B 199 -42.19 6.06 -19.12
CA ILE B 199 -41.17 4.96 -19.14
C ILE B 199 -41.48 4.04 -20.33
N VAL B 200 -40.57 3.95 -21.30
CA VAL B 200 -40.70 3.09 -22.51
C VAL B 200 -40.47 1.63 -22.10
N ALA B 201 -41.27 0.71 -22.66
CA ALA B 201 -41.23 -0.74 -22.38
C ALA B 201 -39.97 -1.35 -23.02
N VAL B 202 -39.30 -2.25 -22.31
CA VAL B 202 -38.07 -2.98 -22.74
C VAL B 202 -38.25 -4.44 -22.31
N ALA B 203 -37.56 -5.37 -22.97
CA ALA B 203 -37.59 -6.81 -22.64
C ALA B 203 -36.18 -7.24 -22.24
N GLY B 204 -36.07 -8.11 -21.23
CA GLY B 204 -34.78 -8.61 -20.71
C GLY B 204 -34.18 -7.67 -19.70
N VAL B 205 -33.22 -8.18 -18.91
CA VAL B 205 -32.48 -7.44 -17.85
C VAL B 205 -31.23 -6.83 -18.50
N ASN B 206 -30.71 -5.73 -17.92
CA ASN B 206 -29.42 -5.07 -18.28
C ASN B 206 -29.51 -4.37 -19.64
N LYS B 207 -30.71 -3.94 -20.04
CA LYS B 207 -30.98 -3.09 -21.23
C LYS B 207 -31.17 -1.65 -20.75
N PRO B 208 -30.66 -0.63 -21.47
CA PRO B 208 -30.84 0.77 -21.05
C PRO B 208 -32.28 1.25 -21.29
N ILE B 209 -32.92 1.80 -20.24
CA ILE B 209 -34.35 2.22 -20.26
C ILE B 209 -34.44 3.63 -20.83
N GLN B 210 -35.32 3.83 -21.82
CA GLN B 210 -35.66 5.16 -22.40
C GLN B 210 -36.79 5.78 -21.58
N VAL B 211 -36.65 7.06 -21.20
CA VAL B 211 -37.65 7.83 -20.41
C VAL B 211 -37.88 9.19 -21.10
N GLN B 212 -39.12 9.67 -21.09
CA GLN B 212 -39.55 10.94 -21.75
C GLN B 212 -40.08 11.91 -20.67
N GLY B 213 -39.28 12.94 -20.35
CA GLY B 213 -39.64 14.02 -19.42
C GLY B 213 -40.42 15.12 -20.10
N SER B 214 -40.72 16.21 -19.39
CA SER B 214 -41.50 17.37 -19.89
C SER B 214 -40.70 18.14 -20.95
N GLU B 215 -39.37 18.18 -20.81
CA GLU B 215 -38.45 18.97 -21.67
C GLU B 215 -37.54 18.05 -22.48
N GLY B 216 -38.08 16.93 -23.00
CA GLY B 216 -37.34 15.95 -23.81
C GLY B 216 -37.15 14.64 -23.05
N GLY B 217 -36.33 13.73 -23.61
CA GLY B 217 -36.08 12.38 -23.07
C GLY B 217 -34.59 12.09 -22.93
N THR B 218 -34.26 10.93 -22.35
CA THR B 218 -32.86 10.47 -22.08
C THR B 218 -32.85 8.95 -21.84
N GLN B 219 -31.65 8.35 -21.79
CA GLN B 219 -31.44 6.90 -21.50
C GLN B 219 -30.86 6.74 -20.09
N LEU B 220 -31.41 5.80 -19.32
CA LEU B 220 -30.90 5.40 -17.98
C LEU B 220 -30.30 4.00 -18.08
N GLN B 221 -29.14 3.79 -17.45
CA GLN B 221 -28.49 2.45 -17.34
C GLN B 221 -29.31 1.60 -16.37
N PRO B 222 -29.25 0.26 -16.45
CA PRO B 222 -30.03 -0.61 -15.59
C PRO B 222 -29.87 -0.32 -14.08
N GLY B 223 -28.64 -0.05 -13.64
CA GLY B 223 -28.30 0.25 -12.23
C GLY B 223 -28.80 1.61 -11.80
N ILE B 224 -28.95 2.55 -12.75
CA ILE B 224 -29.48 3.93 -12.52
C ILE B 224 -31.02 3.85 -12.43
N ALA B 225 -31.65 3.21 -13.41
CA ALA B 225 -33.11 2.99 -13.50
C ALA B 225 -33.60 2.25 -12.24
N HIS B 226 -32.81 1.29 -11.74
CA HIS B 226 -33.09 0.50 -10.52
C HIS B 226 -33.15 1.42 -9.28
N ALA B 227 -32.43 2.55 -9.31
CA ALA B 227 -32.25 3.46 -8.16
C ALA B 227 -33.27 4.60 -8.19
N VAL B 228 -33.95 4.82 -9.32
CA VAL B 228 -35.04 5.83 -9.46
C VAL B 228 -36.38 5.14 -9.16
N MET B 229 -37.14 5.64 -8.19
CA MET B 229 -38.44 5.09 -7.77
C MET B 229 -39.57 6.04 -8.20
N VAL B 230 -40.70 5.47 -8.62
CA VAL B 230 -41.86 6.22 -9.21
C VAL B 230 -43.16 5.61 -8.71
N ARG B 231 -44.25 6.38 -8.74
CA ARG B 231 -45.66 5.92 -8.57
C ARG B 231 -46.34 5.96 -9.94
N VAL B 232 -46.66 4.78 -10.47
CA VAL B 232 -47.32 4.62 -11.81
C VAL B 232 -48.75 5.16 -11.71
N LYS B 233 -49.17 5.94 -12.71
CA LYS B 233 -50.56 6.42 -12.85
C LYS B 233 -51.44 5.25 -13.34
N ASP C 5 13.87 -7.19 -4.42
CA ASP C 5 12.96 -8.32 -4.06
C ASP C 5 13.70 -9.28 -3.11
N LEU C 6 13.01 -9.74 -2.07
CA LEU C 6 13.54 -10.64 -1.01
C LEU C 6 13.40 -12.11 -1.42
N ILE C 7 12.50 -12.41 -2.36
CA ILE C 7 12.21 -13.79 -2.88
C ILE C 7 11.34 -14.54 -1.87
N ASP C 8 11.81 -14.66 -0.62
CA ASP C 8 11.04 -15.21 0.52
C ASP C 8 11.19 -14.26 1.70
N THR C 9 10.10 -13.58 2.07
CA THR C 9 10.06 -12.57 3.16
C THR C 9 10.39 -13.22 4.49
N THR C 10 9.75 -14.35 4.81
CA THR C 10 9.88 -15.10 6.09
C THR C 10 11.35 -15.48 6.30
N GLU C 11 11.95 -16.17 5.34
CA GLU C 11 13.35 -16.68 5.42
C GLU C 11 14.31 -15.51 5.64
N MET C 12 14.06 -14.36 5.01
CA MET C 12 14.97 -13.18 5.07
C MET C 12 14.85 -12.51 6.44
N TYR C 13 13.64 -12.47 7.01
CA TYR C 13 13.41 -11.94 8.38
C TYR C 13 14.18 -12.83 9.37
N LEU C 14 14.05 -14.15 9.23
CA LEU C 14 14.74 -15.15 10.10
C LEU C 14 16.25 -14.94 10.01
N ARG C 15 16.80 -14.87 8.81
CA ARG C 15 18.27 -14.78 8.57
C ARG C 15 18.79 -13.42 9.06
N THR C 16 17.98 -12.35 8.92
CA THR C 16 18.33 -10.98 9.40
C THR C 16 18.46 -11.01 10.92
N ILE C 17 17.55 -11.72 11.62
CA ILE C 17 17.60 -11.88 13.10
C ILE C 17 18.88 -12.66 13.47
N TYR C 18 19.21 -13.68 12.69
CA TYR C 18 20.42 -14.53 12.86
C TYR C 18 21.68 -13.66 12.71
N ASP C 19 21.73 -12.87 11.63
CA ASP C 19 22.81 -11.90 11.31
C ASP C 19 23.05 -10.99 12.52
N LEU C 20 21.98 -10.43 13.10
CA LEU C 20 22.05 -9.46 14.22
C LEU C 20 22.65 -10.14 15.45
N GLU C 21 22.28 -11.40 15.70
CA GLU C 21 22.82 -12.23 16.82
C GLU C 21 24.33 -12.41 16.62
N GLU C 22 24.76 -12.72 15.39
CA GLU C 22 26.19 -12.93 15.02
C GLU C 22 26.97 -11.62 15.17
N GLU C 23 26.34 -10.46 14.94
CA GLU C 23 26.98 -9.11 15.04
C GLU C 23 26.92 -8.60 16.49
N GLY C 24 26.28 -9.35 17.40
CA GLY C 24 26.10 -8.99 18.82
C GLY C 24 25.25 -7.75 18.95
N VAL C 25 24.21 -7.65 18.12
CA VAL C 25 23.23 -6.53 18.11
C VAL C 25 21.91 -7.08 18.64
N VAL C 26 21.15 -6.24 19.35
CA VAL C 26 19.82 -6.60 19.90
C VAL C 26 18.84 -6.68 18.74
N PRO C 27 18.29 -7.87 18.40
CA PRO C 27 17.40 -8.00 17.25
C PRO C 27 16.03 -7.34 17.49
N LEU C 28 15.91 -6.05 17.17
CA LEU C 28 14.64 -5.28 17.20
C LEU C 28 14.05 -5.20 15.79
N ARG C 29 12.74 -4.94 15.70
CA ARG C 29 12.03 -4.74 14.42
C ARG C 29 12.62 -3.51 13.69
N ALA C 30 13.05 -2.49 14.44
CA ALA C 30 13.73 -1.28 13.90
C ALA C 30 14.96 -1.70 13.09
N ARG C 31 15.67 -2.74 13.51
CA ARG C 31 16.88 -3.26 12.83
C ARG C 31 16.49 -3.88 11.49
N ILE C 32 15.37 -4.61 11.44
CA ILE C 32 14.91 -5.30 10.20
C ILE C 32 14.46 -4.25 9.19
N ALA C 33 13.75 -3.22 9.67
CA ALA C 33 13.26 -2.07 8.86
C ALA C 33 14.43 -1.43 8.10
N GLU C 34 15.51 -1.09 8.82
CA GLU C 34 16.67 -0.41 8.19
C GLU C 34 17.40 -1.42 7.28
N ARG C 35 17.64 -2.65 7.73
CA ARG C 35 18.42 -3.68 6.97
C ARG C 35 17.73 -4.00 5.65
N LEU C 36 16.44 -4.35 5.68
CA LEU C 36 15.67 -4.80 4.50
C LEU C 36 14.96 -3.62 3.83
N GLU C 37 15.16 -2.40 4.35
CA GLU C 37 14.60 -1.14 3.80
C GLU C 37 13.09 -1.28 3.64
N GLN C 38 12.40 -1.60 4.74
CA GLN C 38 10.91 -1.71 4.81
C GLN C 38 10.40 -0.79 5.92
N SER C 39 9.15 -0.35 5.82
CA SER C 39 8.51 0.59 6.78
C SER C 39 8.27 -0.14 8.12
N GLY C 40 8.21 0.62 9.21
CA GLY C 40 7.91 0.07 10.56
C GLY C 40 6.65 -0.78 10.56
N PRO C 41 5.50 -0.25 10.08
CA PRO C 41 4.25 -1.00 10.00
C PRO C 41 4.38 -2.34 9.28
N THR C 42 5.09 -2.37 8.14
CA THR C 42 5.33 -3.59 7.33
C THR C 42 5.99 -4.64 8.22
N VAL C 43 7.07 -4.27 8.92
CA VAL C 43 7.92 -5.21 9.72
C VAL C 43 7.08 -5.79 10.85
N SER C 44 6.33 -4.95 11.57
CA SER C 44 5.49 -5.35 12.72
C SER C 44 4.44 -6.37 12.27
N ALA C 45 3.81 -6.11 11.13
CA ALA C 45 2.75 -6.97 10.54
C ALA C 45 3.34 -8.32 10.12
N THR C 46 4.52 -8.31 9.48
CA THR C 46 5.22 -9.53 8.99
C THR C 46 5.71 -10.34 10.19
N VAL C 47 6.24 -9.67 11.22
CA VAL C 47 6.74 -10.33 12.47
C VAL C 47 5.55 -10.97 13.20
N ALA C 48 4.42 -10.26 13.25
CA ALA C 48 3.15 -10.75 13.86
C ALA C 48 2.69 -12.02 13.14
N ARG C 49 2.85 -12.06 11.82
CA ARG C 49 2.46 -13.21 10.95
C ARG C 49 3.39 -14.39 11.22
N MET C 50 4.68 -14.12 11.45
CA MET C 50 5.69 -15.16 11.78
C MET C 50 5.48 -15.64 13.22
N GLU C 51 5.11 -14.73 14.14
CA GLU C 51 4.77 -15.06 15.55
C GLU C 51 3.58 -16.01 15.56
N ARG C 52 2.53 -15.69 14.79
CA ARG C 52 1.30 -16.50 14.63
C ARG C 52 1.67 -17.92 14.15
N ASP C 53 2.63 -18.02 13.23
CA ASP C 53 3.08 -19.30 12.62
C ASP C 53 4.11 -19.99 13.52
N GLY C 54 4.53 -19.33 14.62
CA GLY C 54 5.34 -19.94 15.69
C GLY C 54 6.81 -20.06 15.33
N LEU C 55 7.34 -19.06 14.62
CA LEU C 55 8.76 -18.99 14.18
C LEU C 55 9.55 -18.05 15.10
N LEU C 56 8.87 -17.15 15.83
CA LEU C 56 9.50 -16.26 16.84
C LEU C 56 8.45 -15.75 17.84
N THR C 57 8.92 -15.03 18.86
CA THR C 57 8.09 -14.33 19.87
C THR C 57 8.70 -12.95 20.13
N VAL C 58 7.86 -11.93 20.32
CA VAL C 58 8.25 -10.56 20.73
C VAL C 58 8.30 -10.53 22.26
N ALA C 59 9.47 -10.27 22.83
CA ALA C 59 9.69 -10.19 24.30
C ALA C 59 9.05 -8.91 24.84
N GLU C 60 9.13 -8.68 26.15
CA GLU C 60 8.61 -7.45 26.82
C GLU C 60 9.50 -6.26 26.45
N ASP C 61 10.82 -6.47 26.43
CA ASP C 61 11.82 -5.44 26.03
C ASP C 61 11.84 -5.29 24.50
N ARG C 62 11.03 -6.09 23.80
CA ARG C 62 10.63 -5.94 22.38
C ARG C 62 11.65 -6.58 21.43
N HIS C 63 12.70 -7.22 21.98
CA HIS C 63 13.71 -7.95 21.15
C HIS C 63 13.07 -9.25 20.64
N LEU C 64 13.38 -9.60 19.40
CA LEU C 64 12.81 -10.77 18.70
C LEU C 64 13.58 -12.03 19.12
N GLU C 65 12.84 -13.03 19.60
CA GLU C 65 13.38 -14.34 20.06
C GLU C 65 12.89 -15.42 19.09
N LEU C 66 13.81 -16.08 18.40
CA LEU C 66 13.48 -17.24 17.51
C LEU C 66 13.01 -18.41 18.36
N THR C 67 11.94 -19.09 17.93
CA THR C 67 11.48 -20.38 18.51
C THR C 67 12.42 -21.48 18.03
N LYS C 68 12.23 -22.69 18.56
CA LYS C 68 12.99 -23.92 18.15
C LYS C 68 12.91 -24.08 16.65
N ALA C 69 11.69 -24.02 16.12
CA ALA C 69 11.35 -24.11 14.67
C ALA C 69 11.98 -22.94 13.91
N GLY C 70 11.88 -21.73 14.46
CA GLY C 70 12.43 -20.50 13.87
C GLY C 70 13.92 -20.57 13.68
N ARG C 71 14.64 -21.01 14.73
CA ARG C 71 16.12 -21.15 14.74
C ARG C 71 16.53 -22.23 13.72
N ALA C 72 15.82 -23.35 13.70
CA ALA C 72 16.05 -24.48 12.76
C ALA C 72 15.97 -23.96 11.32
N ARG C 73 14.93 -23.17 11.02
CA ARG C 73 14.68 -22.61 9.66
C ARG C 73 15.75 -21.57 9.33
N ALA C 74 16.09 -20.71 10.29
CA ALA C 74 17.11 -19.64 10.14
C ALA C 74 18.46 -20.28 9.81
N ILE C 75 18.84 -21.32 10.54
CA ILE C 75 20.10 -22.09 10.32
C ILE C 75 20.07 -22.70 8.92
N SER C 76 18.98 -23.37 8.56
CA SER C 76 18.76 -23.98 7.22
C SER C 76 19.07 -22.97 6.12
N VAL C 77 18.50 -21.75 6.23
CA VAL C 77 18.68 -20.65 5.23
C VAL C 77 20.15 -20.20 5.21
N MET C 78 20.73 -19.95 6.38
CA MET C 78 22.14 -19.45 6.52
C MET C 78 23.10 -20.50 5.96
N ARG C 79 22.83 -21.78 6.21
CA ARG C 79 23.65 -22.94 5.72
C ARG C 79 23.66 -22.91 4.20
N LYS C 80 22.48 -22.85 3.59
CA LYS C 80 22.29 -22.75 2.11
C LYS C 80 23.05 -21.53 1.58
N HIS C 81 22.97 -20.40 2.28
CA HIS C 81 23.59 -19.10 1.91
C HIS C 81 25.11 -19.29 1.77
N ARG C 82 25.74 -19.87 2.79
CA ARG C 82 27.23 -19.92 2.89
C ARG C 82 27.78 -21.06 2.03
N LEU C 83 26.99 -22.12 1.82
CA LEU C 83 27.35 -23.20 0.86
C LEU C 83 27.30 -22.64 -0.57
N ALA C 84 26.29 -21.83 -0.87
CA ALA C 84 26.12 -21.13 -2.16
C ALA C 84 27.34 -20.23 -2.39
N GLU C 85 27.71 -19.43 -1.38
CA GLU C 85 28.87 -18.51 -1.42
C GLU C 85 30.14 -19.31 -1.73
N ARG C 86 30.35 -20.43 -1.03
CA ARG C 86 31.50 -21.35 -1.25
C ARG C 86 31.52 -21.80 -2.72
N LEU C 87 30.39 -22.33 -3.21
CA LEU C 87 30.24 -22.81 -4.60
C LEU C 87 30.58 -21.68 -5.58
N LEU C 88 30.04 -20.48 -5.35
CA LEU C 88 30.17 -19.30 -6.25
C LEU C 88 31.63 -18.87 -6.34
N VAL C 89 32.37 -18.92 -5.24
CA VAL C 89 33.80 -18.46 -5.16
C VAL C 89 34.71 -19.57 -5.66
N ASP C 90 34.59 -20.78 -5.10
CA ASP C 90 35.59 -21.88 -5.23
C ASP C 90 35.47 -22.58 -6.58
N VAL C 91 34.25 -22.70 -7.12
CA VAL C 91 33.94 -23.54 -8.31
C VAL C 91 33.58 -22.65 -9.50
N ILE C 92 32.56 -21.81 -9.36
CA ILE C 92 31.98 -21.00 -10.47
C ILE C 92 32.92 -19.82 -10.77
N GLY C 93 33.53 -19.25 -9.73
CA GLY C 93 34.54 -18.17 -9.85
C GLY C 93 33.89 -16.81 -10.05
N LEU C 94 32.71 -16.60 -9.46
CA LEU C 94 32.01 -15.28 -9.46
C LEU C 94 32.85 -14.31 -8.60
N GLU C 95 32.89 -13.04 -8.98
CA GLU C 95 33.76 -12.01 -8.36
C GLU C 95 33.39 -11.86 -6.89
N TRP C 96 34.39 -11.68 -6.04
CA TRP C 96 34.31 -11.71 -4.56
C TRP C 96 33.21 -10.77 -4.04
N GLU C 97 33.02 -9.60 -4.69
CA GLU C 97 32.12 -8.52 -4.21
C GLU C 97 30.66 -8.78 -4.64
N GLN C 98 30.43 -9.63 -5.64
CA GLN C 98 29.08 -9.90 -6.20
C GLN C 98 28.45 -11.14 -5.55
N VAL C 99 29.23 -11.94 -4.83
CA VAL C 99 28.86 -13.33 -4.40
C VAL C 99 27.69 -13.28 -3.42
N HIS C 100 27.76 -12.42 -2.40
CA HIS C 100 26.75 -12.36 -1.30
C HIS C 100 25.35 -12.15 -1.89
N LEU C 101 25.20 -11.14 -2.75
CA LEU C 101 23.89 -10.73 -3.32
C LEU C 101 23.30 -11.91 -4.08
N GLU C 102 24.13 -12.63 -4.83
CA GLU C 102 23.74 -13.86 -5.56
C GLU C 102 23.26 -14.90 -4.56
N ALA C 103 24.10 -15.19 -3.56
CA ALA C 103 23.86 -16.21 -2.51
C ALA C 103 22.61 -15.86 -1.69
N CYS C 104 22.29 -14.57 -1.55
CA CYS C 104 21.13 -14.06 -0.77
C CYS C 104 19.82 -14.43 -1.47
N ARG C 105 19.87 -14.66 -2.80
CA ARG C 105 18.71 -15.16 -3.59
C ARG C 105 18.71 -16.69 -3.58
N TRP C 106 19.87 -17.32 -3.79
CA TRP C 106 20.03 -18.79 -3.95
C TRP C 106 19.62 -19.52 -2.67
N GLU C 107 19.81 -18.90 -1.51
CA GLU C 107 19.54 -19.50 -0.18
C GLU C 107 18.07 -19.93 -0.08
N HIS C 108 17.19 -19.34 -0.89
CA HIS C 108 15.72 -19.52 -0.78
C HIS C 108 15.24 -20.68 -1.69
N VAL C 109 16.06 -21.12 -2.64
CA VAL C 109 15.63 -22.10 -3.69
C VAL C 109 16.38 -23.44 -3.55
N MET C 110 17.49 -23.49 -2.81
CA MET C 110 18.37 -24.69 -2.71
C MET C 110 17.70 -25.75 -1.82
N SER C 111 17.62 -26.98 -2.32
CA SER C 111 17.15 -28.18 -1.57
C SER C 111 18.30 -28.71 -0.70
N GLU C 112 17.97 -29.48 0.34
CA GLU C 112 18.95 -30.22 1.17
C GLU C 112 19.70 -31.22 0.28
N ALA C 113 19.01 -31.83 -0.68
CA ALA C 113 19.58 -32.77 -1.67
C ALA C 113 20.83 -32.16 -2.30
N VAL C 114 20.75 -30.91 -2.77
CA VAL C 114 21.88 -30.20 -3.42
C VAL C 114 22.93 -29.85 -2.36
N GLU C 115 22.50 -29.39 -1.19
CA GLU C 115 23.40 -29.04 -0.07
C GLU C 115 24.35 -30.22 0.18
N ARG C 116 23.82 -31.44 0.28
CA ARG C 116 24.60 -32.68 0.55
C ARG C 116 25.60 -32.91 -0.58
N LYS C 117 25.22 -32.61 -1.82
CA LYS C 117 26.11 -32.77 -3.00
C LYS C 117 27.20 -31.69 -2.98
N LEU C 118 26.87 -30.48 -2.50
CA LEU C 118 27.83 -29.35 -2.41
C LEU C 118 28.85 -29.62 -1.30
N VAL C 119 28.41 -30.20 -0.18
CA VAL C 119 29.28 -30.60 0.96
C VAL C 119 30.41 -31.49 0.45
N LYS C 120 30.06 -32.53 -0.32
CA LYS C 120 31.02 -33.49 -0.92
C LYS C 120 31.93 -32.75 -1.92
N LEU C 121 31.36 -31.96 -2.82
CA LEU C 121 32.07 -31.26 -3.91
C LEU C 121 33.09 -30.29 -3.31
N LEU C 122 32.74 -29.61 -2.23
CA LEU C 122 33.53 -28.49 -1.64
C LEU C 122 34.42 -28.99 -0.49
N GLY C 123 34.37 -30.30 -0.21
CA GLY C 123 35.24 -30.98 0.77
C GLY C 123 34.88 -30.62 2.20
N ASN C 124 33.60 -30.71 2.56
CA ASN C 124 33.05 -30.50 3.93
C ASN C 124 33.51 -29.15 4.46
N PRO C 125 33.12 -28.03 3.81
CA PRO C 125 33.53 -26.69 4.26
C PRO C 125 32.81 -26.31 5.57
N THR C 126 33.50 -25.57 6.43
CA THR C 126 33.03 -25.17 7.78
C THR C 126 32.80 -23.66 7.87
N THR C 127 33.37 -22.86 6.97
CA THR C 127 33.23 -21.39 6.96
C THR C 127 32.92 -20.90 5.54
N SER C 128 32.24 -19.76 5.42
CA SER C 128 31.98 -19.06 4.14
C SER C 128 33.29 -18.43 3.64
N PRO C 129 33.33 -17.93 2.38
CA PRO C 129 34.50 -17.22 1.87
C PRO C 129 34.85 -15.93 2.63
N TYR C 130 33.93 -15.46 3.49
CA TYR C 130 34.09 -14.23 4.32
C TYR C 130 34.37 -14.60 5.77
N GLY C 131 34.63 -15.88 6.05
CA GLY C 131 35.16 -16.38 7.34
C GLY C 131 34.05 -16.72 8.33
N ASN C 132 32.78 -16.59 7.94
CA ASN C 132 31.62 -16.85 8.83
C ASN C 132 31.37 -18.35 8.89
N PRO C 133 31.22 -18.94 10.10
CA PRO C 133 31.00 -20.37 10.25
C PRO C 133 29.68 -20.82 9.61
N ILE C 134 29.67 -22.00 8.98
CA ILE C 134 28.49 -22.63 8.33
C ILE C 134 27.77 -23.49 9.37
N PRO C 135 26.56 -23.10 9.82
CA PRO C 135 25.82 -23.88 10.81
C PRO C 135 24.95 -24.99 10.21
N GLY C 136 24.39 -25.86 11.07
CA GLY C 136 23.36 -26.85 10.72
C GLY C 136 23.88 -27.95 9.81
N LEU C 137 25.20 -28.18 9.77
CA LEU C 137 25.81 -29.25 8.96
C LEU C 137 25.43 -30.61 9.58
N ASP C 138 25.17 -30.66 10.89
CA ASP C 138 24.69 -31.86 11.62
C ASP C 138 23.38 -32.35 10.98
N GLU C 139 22.47 -31.42 10.71
CA GLU C 139 21.11 -31.68 10.16
C GLU C 139 21.25 -32.30 8.76
N LEU C 140 22.28 -31.91 8.01
CA LEU C 140 22.53 -32.47 6.66
C LEU C 140 22.98 -33.92 6.77
N GLY C 141 23.83 -34.24 7.76
CA GLY C 141 24.42 -35.57 7.97
C GLY C 141 25.90 -35.58 7.62
N VAL C 142 26.61 -34.53 8.03
CA VAL C 142 28.09 -34.41 7.89
C VAL C 142 28.75 -34.98 9.15
N SER C 145 33.28 -32.38 13.27
CA SER C 145 34.35 -31.34 13.29
C SER C 145 34.34 -30.61 14.64
N VAL C 146 35.53 -30.20 15.11
CA VAL C 146 35.73 -29.44 16.38
C VAL C 146 35.39 -27.97 16.12
N GLU C 147 34.55 -27.38 16.97
CA GLU C 147 34.00 -26.00 16.80
C GLU C 147 35.04 -24.99 17.28
N PRO C 148 35.52 -24.07 16.42
CA PRO C 148 36.50 -23.05 16.82
C PRO C 148 36.11 -22.25 18.08
N VAL C 149 37.03 -22.15 19.04
CA VAL C 149 36.94 -21.20 20.18
C VAL C 149 37.14 -19.79 19.60
N ASP C 150 36.03 -19.06 19.48
CA ASP C 150 35.91 -17.74 18.83
C ASP C 150 35.65 -16.66 19.90
N THR C 151 36.03 -16.94 21.16
CA THR C 151 36.00 -15.99 22.30
C THR C 151 37.17 -15.00 22.15
N ASP C 152 38.25 -15.43 21.48
CA ASP C 152 39.48 -14.64 21.23
C ASP C 152 39.23 -13.55 20.17
N LEU C 153 38.17 -13.70 19.38
CA LEU C 153 37.78 -12.75 18.30
C LEU C 153 37.22 -11.47 18.94
N ARG C 154 37.63 -10.32 18.42
CA ARG C 154 37.22 -8.98 18.90
C ARG C 154 36.83 -8.10 17.70
N ARG C 155 35.88 -7.19 17.91
CA ARG C 155 35.29 -6.32 16.85
C ARG C 155 36.25 -5.14 16.60
N VAL C 156 36.47 -4.77 15.33
CA VAL C 156 37.47 -3.75 14.91
C VAL C 156 37.20 -2.42 15.64
N ASP C 157 35.92 -2.07 15.82
CA ASP C 157 35.49 -0.82 16.51
C ASP C 157 35.98 -0.85 17.96
N GLU C 158 35.79 -1.98 18.65
CA GLU C 158 36.10 -2.17 20.10
C GLU C 158 37.62 -2.21 20.28
N VAL C 159 38.35 -2.81 19.33
CA VAL C 159 39.83 -2.86 19.32
C VAL C 159 40.37 -1.42 19.17
N ALA C 160 39.74 -0.61 18.30
CA ALA C 160 40.13 0.79 17.98
C ALA C 160 39.93 1.68 19.22
N ARG C 161 38.78 1.54 19.89
CA ARG C 161 38.40 2.32 21.11
C ARG C 161 39.27 1.90 22.30
N SER C 162 39.77 0.66 22.30
CA SER C 162 40.63 0.07 23.37
C SER C 162 42.11 0.39 23.15
N GLY C 163 42.44 1.11 22.07
CA GLY C 163 43.80 1.63 21.80
C GLY C 163 44.40 1.10 20.50
N GLY C 164 43.63 0.37 19.69
CA GLY C 164 44.05 -0.12 18.37
C GLY C 164 45.09 -1.22 18.47
N GLY C 165 45.90 -1.39 17.42
CA GLY C 165 46.98 -2.41 17.32
C GLY C 165 46.86 -3.22 16.04
N ARG C 166 47.81 -4.14 15.83
CA ARG C 166 47.83 -5.06 14.66
C ARG C 166 46.93 -6.27 14.97
N ALA C 167 46.21 -6.76 13.96
CA ALA C 167 45.26 -7.89 14.10
C ALA C 167 45.05 -8.60 12.75
N LEU C 168 44.67 -9.88 12.80
CA LEU C 168 44.36 -10.72 11.63
C LEU C 168 42.84 -10.68 11.37
N VAL C 169 42.44 -10.31 10.14
CA VAL C 169 41.01 -10.29 9.71
C VAL C 169 40.50 -11.74 9.67
N CYS C 170 39.40 -12.04 10.37
CA CYS C 170 38.84 -13.41 10.52
C CYS C 170 37.45 -13.51 9.88
N ARG C 171 36.56 -12.56 10.19
CA ARG C 171 35.15 -12.58 9.69
C ARG C 171 34.76 -11.20 9.15
N ILE C 172 34.09 -11.18 8.00
CA ILE C 172 33.31 -10.03 7.48
C ILE C 172 31.84 -10.46 7.47
N ALA C 173 31.01 -9.86 8.33
CA ALA C 173 29.61 -10.25 8.55
C ALA C 173 28.77 -9.92 7.32
N GLU C 174 27.56 -10.47 7.24
CA GLU C 174 26.64 -10.36 6.09
C GLU C 174 26.31 -8.88 5.85
N HIS C 175 26.10 -8.13 6.94
CA HIS C 175 25.83 -6.67 6.95
C HIS C 175 26.81 -5.93 6.02
N VAL C 176 28.11 -6.24 6.13
CA VAL C 176 29.20 -5.57 5.38
C VAL C 176 29.12 -5.98 3.89
N GLN C 177 28.73 -7.22 3.64
CA GLN C 177 28.73 -7.85 2.28
C GLN C 177 27.68 -7.17 1.40
N LEU C 178 26.67 -6.53 1.99
CA LEU C 178 25.52 -5.90 1.28
C LEU C 178 25.98 -4.74 0.39
N ASP C 179 27.12 -4.11 0.70
CA ASP C 179 27.71 -2.99 -0.07
C ASP C 179 28.84 -3.52 -0.95
N PRO C 180 28.58 -3.83 -2.25
CA PRO C 180 29.63 -4.34 -3.15
C PRO C 180 30.79 -3.35 -3.36
N ASP C 181 30.48 -2.06 -3.54
CA ASP C 181 31.49 -0.99 -3.78
C ASP C 181 32.49 -0.96 -2.62
N LEU C 182 32.00 -1.09 -1.39
CA LEU C 182 32.83 -1.16 -0.15
C LEU C 182 33.69 -2.43 -0.18
N MET C 183 33.06 -3.58 -0.49
CA MET C 183 33.74 -4.91 -0.54
C MET C 183 34.88 -4.87 -1.56
N SER C 184 34.71 -4.15 -2.67
CA SER C 184 35.75 -3.91 -3.71
C SER C 184 36.90 -3.08 -3.12
N GLU C 185 36.56 -2.06 -2.33
CA GLU C 185 37.53 -1.18 -1.62
C GLU C 185 38.34 -2.03 -0.63
N LEU C 186 37.66 -2.89 0.15
CA LEU C 186 38.28 -3.78 1.17
C LEU C 186 39.26 -4.74 0.48
N LYS C 187 38.87 -5.32 -0.65
CA LYS C 187 39.69 -6.30 -1.42
C LYS C 187 40.96 -5.62 -1.94
N LYS C 188 40.82 -4.41 -2.51
CA LYS C 188 41.93 -3.64 -3.13
C LYS C 188 43.04 -3.43 -2.08
N VAL C 189 42.70 -2.77 -0.96
CA VAL C 189 43.68 -2.38 0.11
C VAL C 189 44.10 -3.63 0.90
N GLY C 190 43.25 -4.67 0.93
CA GLY C 190 43.60 -6.01 1.46
C GLY C 190 43.05 -6.27 2.86
N VAL C 191 41.87 -5.74 3.16
CA VAL C 191 41.09 -6.08 4.40
C VAL C 191 40.17 -7.27 4.06
N VAL C 192 40.76 -8.46 3.96
CA VAL C 192 40.07 -9.74 3.62
C VAL C 192 40.46 -10.79 4.64
N PRO C 193 39.64 -11.85 4.85
CA PRO C 193 40.01 -12.94 5.75
C PRO C 193 41.43 -13.48 5.49
N GLY C 194 42.21 -13.63 6.55
CA GLY C 194 43.57 -14.21 6.52
C GLY C 194 44.63 -13.17 6.16
N ASN C 195 44.31 -11.88 6.26
CA ASN C 195 45.26 -10.76 6.06
C ASN C 195 45.42 -9.99 7.36
N GLU C 196 46.64 -9.56 7.66
CA GLU C 196 46.98 -8.73 8.84
C GLU C 196 46.66 -7.27 8.51
N ILE C 197 46.06 -6.54 9.46
CA ILE C 197 45.76 -5.08 9.33
C ILE C 197 46.20 -4.38 10.62
N ASP C 198 46.47 -3.07 10.52
CA ASP C 198 46.77 -2.17 11.66
C ASP C 198 45.56 -1.27 11.89
N ILE C 199 44.86 -1.47 13.02
CA ILE C 199 43.67 -0.69 13.46
C ILE C 199 44.18 0.54 14.24
N VAL C 200 43.90 1.75 13.72
CA VAL C 200 44.29 3.04 14.36
C VAL C 200 43.37 3.28 15.55
N ALA C 201 43.92 3.79 16.66
CA ALA C 201 43.21 4.08 17.92
C ALA C 201 42.32 5.32 17.72
N VAL C 202 41.09 5.27 18.22
CA VAL C 202 40.10 6.40 18.21
C VAL C 202 39.50 6.49 19.61
N ALA C 203 38.91 7.64 19.95
CA ALA C 203 38.23 7.88 21.25
C ALA C 203 36.79 8.27 20.96
N GLY C 204 35.87 7.89 21.84
CA GLY C 204 34.43 8.18 21.68
C GLY C 204 33.80 7.26 20.66
N VAL C 205 32.60 6.76 20.97
CA VAL C 205 31.80 5.83 20.13
C VAL C 205 31.31 6.58 18.89
N ASN C 206 31.02 5.85 17.80
CA ASN C 206 30.36 6.35 16.56
C ASN C 206 31.29 7.30 15.79
N LYS C 207 32.61 7.06 15.85
CA LYS C 207 33.64 7.76 15.03
C LYS C 207 34.15 6.78 13.98
N PRO C 208 34.47 7.22 12.74
CA PRO C 208 34.94 6.30 11.69
C PRO C 208 36.36 5.80 11.98
N ILE C 209 36.55 4.47 11.97
CA ILE C 209 37.84 3.80 12.31
C ILE C 209 38.73 3.76 11.06
N GLN C 210 39.98 4.20 11.19
CA GLN C 210 41.03 4.11 10.13
C GLN C 210 41.74 2.76 10.26
N VAL C 211 41.91 2.04 9.15
CA VAL C 211 42.60 0.71 9.08
C VAL C 211 43.61 0.73 7.94
N GLN C 212 44.76 0.09 8.13
CA GLN C 212 45.90 0.04 7.16
C GLN C 212 46.13 -1.41 6.74
N GLY C 213 45.73 -1.75 5.51
CA GLY C 213 45.96 -3.07 4.89
C GLY C 213 47.33 -3.16 4.25
N SER C 214 47.61 -4.27 3.56
CA SER C 214 48.90 -4.55 2.88
C SER C 214 49.08 -3.61 1.68
N GLU C 215 47.98 -3.24 1.01
CA GLU C 215 47.99 -2.44 -0.24
C GLU C 215 47.32 -1.08 -0.01
N GLY C 216 47.59 -0.45 1.14
CA GLY C 216 47.05 0.88 1.52
C GLY C 216 46.03 0.77 2.64
N GLY C 217 45.33 1.88 2.93
CA GLY C 217 44.36 1.99 4.05
C GLY C 217 43.02 2.54 3.58
N THR C 218 42.03 2.57 4.48
CA THR C 218 40.64 3.03 4.23
C THR C 218 39.94 3.35 5.56
N GLN C 219 38.75 3.96 5.50
CA GLN C 219 37.90 4.30 6.68
C GLN C 219 36.70 3.35 6.73
N LEU C 220 36.39 2.82 7.92
CA LEU C 220 35.18 2.00 8.20
C LEU C 220 34.24 2.81 9.09
N GLN C 221 32.93 2.78 8.79
CA GLN C 221 31.87 3.38 9.64
C GLN C 221 31.72 2.55 10.90
N PRO C 222 31.20 3.12 12.01
CA PRO C 222 31.07 2.39 13.27
C PRO C 222 30.30 1.06 13.16
N GLY C 223 29.21 1.04 12.38
CA GLY C 223 28.37 -0.15 12.15
C GLY C 223 29.06 -1.19 11.28
N ILE C 224 29.98 -0.76 10.41
CA ILE C 224 30.80 -1.64 9.52
C ILE C 224 31.94 -2.26 10.35
N ALA C 225 32.68 -1.42 11.09
CA ALA C 225 33.79 -1.83 11.98
C ALA C 225 33.27 -2.82 13.03
N HIS C 226 32.05 -2.62 13.54
CA HIS C 226 31.38 -3.50 14.53
C HIS C 226 31.16 -4.90 13.94
N ALA C 227 31.03 -5.01 12.61
CA ALA C 227 30.65 -6.26 11.90
C ALA C 227 31.89 -7.01 11.41
N VAL C 228 33.06 -6.37 11.40
CA VAL C 228 34.37 -7.01 11.05
C VAL C 228 35.01 -7.51 12.35
N MET C 229 35.32 -8.81 12.42
CA MET C 229 35.93 -9.46 13.61
C MET C 229 37.38 -9.85 13.28
N VAL C 230 38.27 -9.70 14.26
CA VAL C 230 39.74 -9.89 14.11
C VAL C 230 40.29 -10.59 15.36
N ARG C 231 41.44 -11.27 15.21
CA ARG C 231 42.27 -11.76 16.34
C ARG C 231 43.50 -10.85 16.43
N VAL C 232 43.59 -10.08 17.52
CA VAL C 232 44.72 -9.15 17.79
C VAL C 232 45.97 -9.98 18.03
N LYS C 233 47.09 -9.59 17.44
CA LYS C 233 48.41 -10.23 17.65
C LYS C 233 48.87 -9.90 19.07
N ASP D 5 6.03 -21.60 -4.03
CA ASP D 5 5.85 -22.79 -4.93
C ASP D 5 6.51 -22.54 -6.29
N LEU D 6 6.04 -21.56 -7.09
CA LEU D 6 6.59 -21.22 -8.43
C LEU D 6 7.78 -20.27 -8.29
N ILE D 7 7.91 -19.56 -7.16
CA ILE D 7 8.99 -18.57 -6.85
C ILE D 7 8.70 -17.26 -7.60
N ASP D 8 8.58 -17.32 -8.92
CA ASP D 8 8.20 -16.19 -9.81
C ASP D 8 7.10 -16.66 -10.77
N THR D 9 5.88 -16.16 -10.56
CA THR D 9 4.66 -16.51 -11.35
C THR D 9 4.89 -16.13 -12.81
N THR D 10 5.27 -14.89 -13.07
CA THR D 10 5.46 -14.30 -14.42
C THR D 10 6.44 -15.16 -15.23
N GLU D 11 7.63 -15.38 -14.69
CA GLU D 11 8.73 -16.13 -15.37
C GLU D 11 8.27 -17.55 -15.71
N MET D 12 7.48 -18.17 -14.82
CA MET D 12 7.00 -19.58 -14.99
C MET D 12 5.93 -19.64 -16.08
N TYR D 13 5.07 -18.61 -16.16
CA TYR D 13 4.05 -18.49 -17.24
C TYR D 13 4.78 -18.36 -18.58
N LEU D 14 5.79 -17.49 -18.64
CA LEU D 14 6.61 -17.26 -19.86
C LEU D 14 7.29 -18.56 -20.28
N ARG D 15 7.93 -19.26 -19.35
CA ARG D 15 8.72 -20.49 -19.67
C ARG D 15 7.75 -21.61 -20.09
N THR D 16 6.57 -21.68 -19.46
CA THR D 16 5.52 -22.68 -19.78
C THR D 16 5.04 -22.46 -21.22
N ILE D 17 4.85 -21.21 -21.63
CA ILE D 17 4.44 -20.85 -23.02
C ILE D 17 5.57 -21.26 -23.97
N TYR D 18 6.82 -21.06 -23.56
CA TYR D 18 8.05 -21.43 -24.32
C TYR D 18 8.12 -22.95 -24.48
N ASP D 19 7.90 -23.68 -23.38
CA ASP D 19 7.85 -25.16 -23.34
C ASP D 19 6.85 -25.67 -24.39
N LEU D 20 5.63 -25.11 -24.39
CA LEU D 20 4.53 -25.53 -25.29
C LEU D 20 4.94 -25.31 -26.75
N GLU D 21 5.61 -24.20 -27.06
CA GLU D 21 6.12 -23.88 -28.42
C GLU D 21 7.17 -24.92 -28.85
N GLU D 22 8.09 -25.28 -27.95
CA GLU D 22 9.14 -26.32 -28.20
C GLU D 22 8.48 -27.68 -28.47
N GLU D 23 7.37 -27.97 -27.78
CA GLU D 23 6.63 -29.27 -27.89
C GLU D 23 5.70 -29.26 -29.11
N GLY D 24 5.61 -28.12 -29.83
CA GLY D 24 4.70 -27.93 -30.97
C GLY D 24 3.24 -28.04 -30.55
N VAL D 25 2.91 -27.51 -29.37
CA VAL D 25 1.53 -27.47 -28.81
C VAL D 25 1.06 -26.01 -28.91
N VAL D 26 -0.25 -25.81 -29.11
CA VAL D 26 -0.88 -24.47 -29.19
C VAL D 26 -0.92 -23.91 -27.76
N PRO D 27 -0.19 -22.81 -27.47
CA PRO D 27 -0.16 -22.27 -26.12
C PRO D 27 -1.47 -21.53 -25.76
N LEU D 28 -2.42 -22.27 -25.18
CA LEU D 28 -3.70 -21.73 -24.64
C LEU D 28 -3.55 -21.60 -23.12
N ARG D 29 -4.39 -20.76 -22.50
CA ARG D 29 -4.43 -20.58 -21.03
C ARG D 29 -4.79 -21.92 -20.36
N ALA D 30 -5.64 -22.72 -21.01
CA ALA D 30 -6.05 -24.07 -20.56
C ALA D 30 -4.80 -24.93 -20.32
N ARG D 31 -3.78 -24.80 -21.17
CA ARG D 31 -2.51 -25.58 -21.08
C ARG D 31 -1.76 -25.18 -19.81
N ILE D 32 -1.72 -23.88 -19.50
CA ILE D 32 -0.97 -23.34 -18.33
C ILE D 32 -1.65 -23.82 -17.04
N ALA D 33 -2.97 -23.82 -17.03
CA ALA D 33 -3.82 -24.29 -15.90
C ALA D 33 -3.43 -25.73 -15.55
N GLU D 34 -3.38 -26.60 -16.56
CA GLU D 34 -2.99 -28.03 -16.43
C GLU D 34 -1.57 -28.11 -15.87
N ARG D 35 -0.62 -27.48 -16.58
CA ARG D 35 0.84 -27.65 -16.37
C ARG D 35 1.21 -27.15 -14.97
N LEU D 36 0.75 -25.96 -14.58
CA LEU D 36 1.11 -25.30 -13.29
C LEU D 36 0.07 -25.64 -12.21
N GLU D 37 -0.96 -26.42 -12.55
CA GLU D 37 -2.02 -26.88 -11.61
C GLU D 37 -2.63 -25.65 -10.92
N GLN D 38 -3.14 -24.71 -11.71
CA GLN D 38 -3.83 -23.48 -11.24
C GLN D 38 -5.22 -23.44 -11.88
N SER D 39 -6.17 -22.75 -11.26
CA SER D 39 -7.58 -22.63 -11.74
C SER D 39 -7.61 -21.76 -13.00
N GLY D 40 -8.63 -21.97 -13.85
CA GLY D 40 -8.84 -21.19 -15.08
C GLY D 40 -8.88 -19.69 -14.80
N PRO D 41 -9.72 -19.24 -13.84
CA PRO D 41 -9.77 -17.83 -13.45
C PRO D 41 -8.40 -17.24 -13.08
N THR D 42 -7.60 -17.98 -12.31
CA THR D 42 -6.23 -17.57 -11.88
C THR D 42 -5.40 -17.27 -13.14
N VAL D 43 -5.39 -18.20 -14.09
CA VAL D 43 -4.51 -18.13 -15.30
C VAL D 43 -4.93 -16.93 -16.15
N SER D 44 -6.22 -16.74 -16.38
CA SER D 44 -6.78 -15.63 -17.19
C SER D 44 -6.38 -14.30 -16.57
N ALA D 45 -6.51 -14.17 -15.24
CA ALA D 45 -6.19 -12.95 -14.48
C ALA D 45 -4.70 -12.65 -14.58
N THR D 46 -3.85 -13.67 -14.41
CA THR D 46 -2.36 -13.55 -14.45
C THR D 46 -1.91 -13.23 -15.88
N VAL D 47 -2.53 -13.85 -16.88
CA VAL D 47 -2.22 -13.60 -18.32
C VAL D 47 -2.63 -12.16 -18.68
N ALA D 48 -3.77 -11.70 -18.17
CA ALA D 48 -4.29 -10.32 -18.38
C ALA D 48 -3.28 -9.33 -17.79
N ARG D 49 -2.69 -9.66 -16.64
CA ARG D 49 -1.68 -8.83 -15.92
C ARG D 49 -0.39 -8.77 -16.75
N MET D 50 -0.01 -9.87 -17.37
CA MET D 50 1.19 -9.99 -18.25
C MET D 50 0.92 -9.27 -19.59
N GLU D 51 -0.32 -9.33 -20.08
CA GLU D 51 -0.75 -8.61 -21.31
C GLU D 51 -0.65 -7.11 -21.06
N ARG D 52 -1.16 -6.66 -19.92
CA ARG D 52 -1.12 -5.24 -19.48
C ARG D 52 0.33 -4.75 -19.40
N ASP D 53 1.23 -5.61 -18.91
CA ASP D 53 2.67 -5.29 -18.70
C ASP D 53 3.44 -5.49 -20.01
N GLY D 54 2.77 -5.98 -21.06
CA GLY D 54 3.30 -6.01 -22.43
C GLY D 54 4.28 -7.15 -22.64
N LEU D 55 4.03 -8.29 -22.01
CA LEU D 55 4.86 -9.52 -22.10
C LEU D 55 4.23 -10.53 -23.06
N LEU D 56 2.93 -10.40 -23.33
CA LEU D 56 2.22 -11.23 -24.35
C LEU D 56 0.94 -10.54 -24.80
N THR D 57 0.27 -11.12 -25.81
CA THR D 57 -1.05 -10.71 -26.32
C THR D 57 -1.89 -11.97 -26.56
N VAL D 58 -3.18 -11.90 -26.28
CA VAL D 58 -4.16 -12.98 -26.61
C VAL D 58 -4.65 -12.72 -28.04
N ALA D 59 -4.39 -13.67 -28.96
CA ALA D 59 -4.75 -13.59 -30.39
C ALA D 59 -6.27 -13.71 -30.57
N GLU D 60 -6.73 -13.69 -31.82
CA GLU D 60 -8.17 -13.90 -32.18
C GLU D 60 -8.56 -15.34 -31.88
N ASP D 61 -7.70 -16.30 -32.24
CA ASP D 61 -7.90 -17.77 -32.01
C ASP D 61 -7.51 -18.12 -30.57
N ARG D 62 -7.09 -17.12 -29.79
CA ARG D 62 -6.97 -17.14 -28.30
C ARG D 62 -5.69 -17.85 -27.85
N HIS D 63 -4.78 -18.17 -28.78
CA HIS D 63 -3.43 -18.68 -28.44
C HIS D 63 -2.57 -17.51 -27.96
N LEU D 64 -1.72 -17.77 -26.97
CA LEU D 64 -0.88 -16.73 -26.32
C LEU D 64 0.35 -16.46 -27.20
N GLU D 65 0.55 -15.19 -27.55
CA GLU D 65 1.69 -14.73 -28.40
C GLU D 65 2.60 -13.86 -27.53
N LEU D 66 3.83 -14.32 -27.28
CA LEU D 66 4.85 -13.57 -26.52
C LEU D 66 5.23 -12.34 -27.34
N THR D 67 5.34 -11.17 -26.69
CA THR D 67 5.87 -9.92 -27.30
C THR D 67 7.38 -10.04 -27.43
N LYS D 68 8.02 -9.06 -28.06
CA LYS D 68 9.49 -8.93 -28.14
C LYS D 68 10.08 -9.10 -26.72
N ALA D 69 9.55 -8.32 -25.76
CA ALA D 69 10.00 -8.29 -24.35
C ALA D 69 9.70 -9.64 -23.68
N GLY D 70 8.51 -10.20 -23.94
CA GLY D 70 8.08 -11.48 -23.36
C GLY D 70 9.00 -12.61 -23.78
N ARG D 71 9.31 -12.70 -25.07
CA ARG D 71 10.19 -13.75 -25.64
C ARG D 71 11.60 -13.59 -25.06
N ALA D 72 12.11 -12.35 -25.00
CA ALA D 72 13.45 -12.01 -24.47
C ALA D 72 13.57 -12.50 -23.03
N ARG D 73 12.51 -12.32 -22.23
CA ARG D 73 12.47 -12.72 -20.80
C ARG D 73 12.33 -14.24 -20.69
N ALA D 74 11.50 -14.85 -21.54
CA ALA D 74 11.27 -16.31 -21.59
C ALA D 74 12.58 -17.03 -21.89
N ILE D 75 13.32 -16.52 -22.89
CA ILE D 75 14.64 -17.07 -23.33
C ILE D 75 15.60 -16.99 -22.14
N SER D 76 15.69 -15.81 -21.53
CA SER D 76 16.53 -15.51 -20.35
C SER D 76 16.31 -16.57 -19.27
N VAL D 77 15.05 -16.87 -18.94
CA VAL D 77 14.66 -17.86 -17.89
C VAL D 77 15.09 -19.27 -18.32
N MET D 78 14.79 -19.65 -19.56
CA MET D 78 15.08 -21.00 -20.11
C MET D 78 16.60 -21.22 -20.15
N ARG D 79 17.34 -20.19 -20.55
CA ARG D 79 18.83 -20.21 -20.61
C ARG D 79 19.38 -20.52 -19.21
N LYS D 80 18.92 -19.77 -18.21
CA LYS D 80 19.30 -19.95 -16.78
C LYS D 80 18.97 -21.38 -16.35
N HIS D 81 17.79 -21.87 -16.75
CA HIS D 81 17.27 -23.21 -16.39
C HIS D 81 18.25 -24.29 -16.86
N ARG D 82 18.67 -24.24 -18.12
CA ARG D 82 19.45 -25.33 -18.78
C ARG D 82 20.93 -25.23 -18.40
N LEU D 83 21.42 -24.02 -18.12
CA LEU D 83 22.79 -23.83 -17.58
C LEU D 83 22.84 -24.38 -16.16
N ALA D 84 21.80 -24.14 -15.37
CA ALA D 84 21.64 -24.69 -13.99
C ALA D 84 21.68 -26.21 -14.05
N GLU D 85 20.89 -26.79 -14.97
CA GLU D 85 20.81 -28.26 -15.20
C GLU D 85 22.21 -28.81 -15.49
N ARG D 86 22.94 -28.16 -16.39
CA ARG D 86 24.33 -28.54 -16.77
C ARG D 86 25.20 -28.58 -15.51
N LEU D 87 25.21 -27.49 -14.76
CA LEU D 87 25.99 -27.35 -13.49
C LEU D 87 25.62 -28.50 -12.54
N LEU D 88 24.32 -28.75 -12.35
CA LEU D 88 23.79 -29.73 -11.35
C LEU D 88 24.24 -31.15 -11.72
N VAL D 89 24.30 -31.47 -13.01
CA VAL D 89 24.64 -32.84 -13.52
C VAL D 89 26.17 -32.99 -13.57
N ASP D 90 26.84 -32.09 -14.29
CA ASP D 90 28.26 -32.24 -14.71
C ASP D 90 29.19 -31.98 -13.53
N VAL D 91 28.84 -31.05 -12.63
CA VAL D 91 29.76 -30.49 -11.59
C VAL D 91 29.30 -30.96 -10.21
N ILE D 92 28.07 -30.65 -9.82
CA ILE D 92 27.54 -30.90 -8.45
C ILE D 92 27.22 -32.40 -8.28
N GLY D 93 26.72 -33.04 -9.34
CA GLY D 93 26.43 -34.48 -9.38
C GLY D 93 25.11 -34.83 -8.74
N LEU D 94 24.11 -33.96 -8.85
CA LEU D 94 22.71 -34.23 -8.40
C LEU D 94 22.13 -35.30 -9.33
N GLU D 95 21.26 -36.18 -8.80
CA GLU D 95 20.70 -37.35 -9.53
C GLU D 95 19.89 -36.86 -10.74
N TRP D 96 19.99 -37.58 -11.86
CA TRP D 96 19.47 -37.20 -13.21
C TRP D 96 17.99 -36.82 -13.15
N GLU D 97 17.20 -37.48 -12.31
CA GLU D 97 15.73 -37.32 -12.26
C GLU D 97 15.33 -36.11 -11.38
N GLN D 98 16.18 -35.68 -10.46
CA GLN D 98 15.86 -34.60 -9.49
C GLN D 98 16.30 -33.23 -10.02
N VAL D 99 17.11 -33.20 -11.08
CA VAL D 99 17.84 -31.98 -11.55
C VAL D 99 16.84 -30.92 -12.02
N HIS D 100 15.87 -31.30 -12.86
CA HIS D 100 14.90 -30.36 -13.49
C HIS D 100 14.18 -29.54 -12.41
N LEU D 101 13.63 -30.20 -11.39
CA LEU D 101 12.83 -29.55 -10.31
C LEU D 101 13.71 -28.52 -9.58
N GLU D 102 14.97 -28.86 -9.32
CA GLU D 102 15.97 -27.95 -8.71
C GLU D 102 16.16 -26.74 -9.64
N ALA D 103 16.49 -27.01 -10.90
CA ALA D 103 16.78 -26.02 -11.96
C ALA D 103 15.55 -25.12 -12.19
N CYS D 104 14.34 -25.65 -11.99
CA CYS D 104 13.07 -24.90 -12.17
C CYS D 104 12.94 -23.80 -11.11
N ARG D 105 13.62 -23.93 -9.97
CA ARG D 105 13.67 -22.90 -8.91
C ARG D 105 14.85 -21.95 -9.17
N TRP D 106 16.02 -22.50 -9.50
CA TRP D 106 17.30 -21.77 -9.69
C TRP D 106 17.19 -20.77 -10.84
N GLU D 107 16.38 -21.08 -11.85
CA GLU D 107 16.21 -20.25 -13.07
C GLU D 107 15.74 -18.83 -12.69
N HIS D 108 15.13 -18.65 -11.53
CA HIS D 108 14.48 -17.39 -11.11
C HIS D 108 15.45 -16.48 -10.33
N VAL D 109 16.60 -17.02 -9.87
CA VAL D 109 17.53 -16.31 -8.94
C VAL D 109 18.91 -16.10 -9.58
N MET D 110 19.22 -16.76 -10.69
CA MET D 110 20.56 -16.68 -11.34
C MET D 110 20.70 -15.36 -12.09
N SER D 111 21.77 -14.63 -11.82
CA SER D 111 22.18 -13.41 -12.56
C SER D 111 22.85 -13.82 -13.87
N GLU D 112 22.89 -12.91 -14.85
CA GLU D 112 23.67 -13.08 -16.11
C GLU D 112 25.15 -13.21 -15.76
N ALA D 113 25.61 -12.52 -14.72
CA ALA D 113 27.00 -12.57 -14.22
C ALA D 113 27.41 -14.03 -14.00
N VAL D 114 26.57 -14.80 -13.31
CA VAL D 114 26.82 -16.24 -12.98
C VAL D 114 26.73 -17.06 -14.27
N GLU D 115 25.72 -16.78 -15.08
CA GLU D 115 25.52 -17.48 -16.39
C GLU D 115 26.83 -17.45 -17.18
N ARG D 116 27.48 -16.29 -17.28
CA ARG D 116 28.74 -16.08 -18.04
C ARG D 116 29.87 -16.91 -17.42
N LYS D 117 29.88 -17.03 -16.10
CA LYS D 117 30.89 -17.85 -15.36
C LYS D 117 30.62 -19.34 -15.60
N LEU D 118 29.34 -19.73 -15.69
CA LEU D 118 28.95 -21.15 -15.93
C LEU D 118 29.31 -21.55 -17.37
N VAL D 119 29.11 -20.64 -18.33
CA VAL D 119 29.48 -20.85 -19.76
C VAL D 119 30.95 -21.26 -19.83
N LYS D 120 31.83 -20.50 -19.18
CA LYS D 120 33.30 -20.76 -19.14
C LYS D 120 33.57 -22.10 -18.43
N LEU D 121 32.98 -22.31 -17.25
CA LEU D 121 33.19 -23.52 -16.40
C LEU D 121 32.78 -24.79 -17.16
N LEU D 122 31.66 -24.74 -17.89
CA LEU D 122 31.04 -25.92 -18.54
C LEU D 122 31.52 -26.05 -19.99
N GLY D 123 32.40 -25.16 -20.44
CA GLY D 123 33.05 -25.23 -21.77
C GLY D 123 32.09 -24.90 -22.91
N ASN D 124 31.36 -23.79 -22.77
CA ASN D 124 30.41 -23.23 -23.77
C ASN D 124 29.42 -24.32 -24.21
N PRO D 125 28.59 -24.86 -23.29
CA PRO D 125 27.61 -25.88 -23.65
C PRO D 125 26.48 -25.26 -24.50
N THR D 126 25.95 -26.04 -25.45
CA THR D 126 24.88 -25.59 -26.39
C THR D 126 23.56 -26.32 -26.09
N THR D 127 23.60 -27.42 -25.33
CA THR D 127 22.40 -28.21 -24.97
C THR D 127 22.39 -28.48 -23.47
N SER D 128 21.20 -28.72 -22.93
CA SER D 128 20.99 -29.19 -21.53
C SER D 128 21.40 -30.65 -21.45
N PRO D 129 21.49 -31.25 -20.25
CA PRO D 129 21.75 -32.68 -20.10
C PRO D 129 20.67 -33.60 -20.71
N TYR D 130 19.51 -33.03 -21.08
CA TYR D 130 18.36 -33.75 -21.68
C TYR D 130 18.28 -33.43 -23.18
N GLY D 131 19.32 -32.81 -23.74
CA GLY D 131 19.54 -32.64 -25.19
C GLY D 131 18.84 -31.40 -25.74
N ASN D 132 18.14 -30.65 -24.89
CA ASN D 132 17.37 -29.44 -25.28
C ASN D 132 18.35 -28.30 -25.53
N PRO D 133 18.30 -27.63 -26.69
CA PRO D 133 19.21 -26.52 -26.99
C PRO D 133 19.06 -25.38 -25.97
N ILE D 134 20.18 -24.77 -25.60
CA ILE D 134 20.24 -23.58 -24.70
C ILE D 134 20.12 -22.34 -25.56
N PRO D 135 19.01 -21.59 -25.46
CA PRO D 135 18.81 -20.39 -26.26
C PRO D 135 19.41 -19.15 -25.58
N GLY D 136 19.50 -18.06 -26.35
CA GLY D 136 19.86 -16.73 -25.85
C GLY D 136 21.30 -16.64 -25.36
N LEU D 137 22.18 -17.53 -25.82
CA LEU D 137 23.63 -17.45 -25.49
C LEU D 137 24.22 -16.22 -26.17
N ASP D 138 23.63 -15.80 -27.29
CA ASP D 138 23.97 -14.53 -28.01
C ASP D 138 23.83 -13.35 -27.04
N GLU D 139 22.74 -13.33 -26.26
CA GLU D 139 22.37 -12.23 -25.33
C GLU D 139 23.32 -12.20 -24.12
N LEU D 140 24.06 -13.29 -23.87
CA LEU D 140 25.11 -13.34 -22.83
C LEU D 140 26.43 -12.81 -23.40
N GLY D 141 26.61 -12.88 -24.73
CA GLY D 141 27.82 -12.44 -25.44
C GLY D 141 28.77 -13.59 -25.71
N VAL D 142 28.27 -14.82 -25.62
CA VAL D 142 29.00 -16.11 -25.84
C VAL D 142 29.03 -16.35 -27.35
N GLY G 143 15.76 -20.24 -33.77
CA GLY G 143 15.40 -20.89 -32.49
C GLY G 143 15.42 -22.41 -32.63
N ASP G 144 16.63 -22.99 -32.59
CA ASP G 144 16.90 -24.45 -32.67
C ASP G 144 16.00 -25.18 -31.65
N SER G 145 15.74 -24.54 -30.50
CA SER G 145 14.92 -25.08 -29.38
C SER G 145 13.46 -25.31 -29.82
N VAL G 146 12.87 -24.35 -30.54
CA VAL G 146 11.45 -24.40 -31.03
C VAL G 146 11.42 -25.10 -32.40
N GLU G 147 12.05 -24.49 -33.40
CA GLU G 147 12.16 -25.00 -34.79
C GLU G 147 13.56 -25.59 -34.98
N PRO G 148 13.72 -26.93 -34.95
CA PRO G 148 15.05 -27.54 -35.00
C PRO G 148 15.82 -27.21 -36.30
N VAL G 149 17.12 -26.92 -36.16
CA VAL G 149 18.06 -26.70 -37.30
C VAL G 149 18.20 -28.02 -38.07
N ASP G 150 18.30 -29.12 -37.33
CA ASP G 150 18.30 -30.51 -37.86
C ASP G 150 16.86 -30.90 -38.22
N THR G 151 16.45 -30.61 -39.45
CA THR G 151 15.07 -30.82 -39.98
C THR G 151 14.66 -32.29 -39.78
N ASP G 152 15.63 -33.20 -39.84
CA ASP G 152 15.44 -34.66 -39.72
C ASP G 152 15.01 -35.05 -38.29
N LEU G 153 15.08 -34.11 -37.33
CA LEU G 153 14.56 -34.35 -35.96
C LEU G 153 13.04 -34.53 -36.06
N ARG G 154 12.53 -35.59 -35.42
CA ARG G 154 11.11 -36.02 -35.49
C ARG G 154 10.66 -36.45 -34.09
N ARG G 155 9.38 -36.30 -33.79
CA ARG G 155 8.78 -36.63 -32.47
C ARG G 155 8.52 -38.14 -32.43
N VAL G 156 8.60 -38.74 -31.23
CA VAL G 156 8.49 -40.20 -31.01
C VAL G 156 7.14 -40.70 -31.55
N ASP G 157 6.06 -40.01 -31.18
CA ASP G 157 4.68 -40.35 -31.63
C ASP G 157 4.61 -40.26 -33.15
N GLU G 158 5.14 -39.19 -33.75
CA GLU G 158 5.10 -38.97 -35.22
C GLU G 158 5.83 -40.11 -35.93
N VAL G 159 6.96 -40.55 -35.39
CA VAL G 159 7.76 -41.68 -35.95
C VAL G 159 6.94 -42.97 -35.81
N ALA G 160 6.40 -43.24 -34.62
CA ALA G 160 5.59 -44.44 -34.29
C ALA G 160 4.39 -44.53 -35.24
N ARG G 161 3.63 -43.45 -35.37
CA ARG G 161 2.43 -43.36 -36.23
C ARG G 161 2.84 -43.49 -37.71
N SER G 162 4.08 -43.15 -38.05
CA SER G 162 4.66 -43.27 -39.42
C SER G 162 5.37 -44.61 -39.61
N GLY G 163 5.17 -45.57 -38.70
CA GLY G 163 5.55 -46.99 -38.88
C GLY G 163 6.83 -47.35 -38.12
N GLY G 164 7.04 -46.78 -36.93
CA GLY G 164 8.16 -47.08 -36.03
C GLY G 164 9.52 -46.86 -36.70
N GLY G 165 10.59 -47.41 -36.09
CA GLY G 165 11.96 -47.35 -36.64
C GLY G 165 13.02 -47.26 -35.55
N ARG G 166 14.28 -47.53 -35.92
CA ARG G 166 15.47 -47.33 -35.04
C ARG G 166 15.90 -45.86 -35.15
N ALA G 167 16.05 -45.18 -34.01
CA ALA G 167 16.37 -43.74 -33.94
C ALA G 167 17.21 -43.42 -32.70
N LEU G 168 18.04 -42.38 -32.80
CA LEU G 168 18.90 -41.87 -31.70
C LEU G 168 18.13 -40.80 -30.92
N VAL G 169 17.94 -41.01 -29.62
CA VAL G 169 17.32 -40.02 -28.68
C VAL G 169 18.16 -38.73 -28.74
N CYS G 170 17.52 -37.60 -29.01
CA CYS G 170 18.19 -36.27 -29.12
C CYS G 170 17.75 -35.37 -27.96
N ARG G 171 16.46 -35.04 -27.85
CA ARG G 171 15.93 -34.08 -26.84
C ARG G 171 14.85 -34.75 -25.98
N ILE G 172 14.79 -34.38 -24.70
CA ILE G 172 13.68 -34.75 -23.76
C ILE G 172 13.15 -33.46 -23.12
N ALA G 173 12.00 -32.97 -23.61
CA ALA G 173 11.44 -31.64 -23.28
C ALA G 173 11.15 -31.55 -21.78
N GLU G 174 10.96 -30.32 -21.29
CA GLU G 174 10.84 -29.98 -19.84
C GLU G 174 9.58 -30.63 -19.25
N HIS G 175 8.55 -30.81 -20.08
CA HIS G 175 7.27 -31.49 -19.73
C HIS G 175 7.57 -32.90 -19.20
N VAL G 176 8.37 -33.67 -19.93
CA VAL G 176 8.74 -35.07 -19.58
C VAL G 176 9.50 -35.05 -18.24
N GLN G 177 10.41 -34.08 -18.10
CA GLN G 177 11.34 -33.97 -16.94
C GLN G 177 10.53 -33.77 -15.64
N LEU G 178 9.31 -33.22 -15.73
CA LEU G 178 8.46 -32.87 -14.55
C LEU G 178 8.18 -34.11 -13.70
N ASP G 179 7.99 -35.28 -14.33
CA ASP G 179 7.77 -36.56 -13.61
C ASP G 179 9.12 -37.24 -13.38
N PRO G 180 9.62 -37.28 -12.12
CA PRO G 180 10.90 -37.92 -11.82
C PRO G 180 10.85 -39.45 -12.00
N ASP G 181 9.84 -40.09 -11.40
CA ASP G 181 9.61 -41.56 -11.44
C ASP G 181 9.74 -42.04 -12.89
N LEU G 182 9.16 -41.29 -13.83
CA LEU G 182 9.24 -41.53 -15.30
C LEU G 182 10.70 -41.39 -15.76
N MET G 183 11.38 -40.31 -15.33
CA MET G 183 12.79 -40.01 -15.71
C MET G 183 13.72 -41.12 -15.18
N SER G 184 13.44 -41.65 -14.00
CA SER G 184 14.14 -42.82 -13.40
C SER G 184 13.99 -44.03 -14.34
N GLU G 185 12.75 -44.31 -14.76
CA GLU G 185 12.41 -45.38 -15.73
C GLU G 185 13.18 -45.14 -17.03
N LEU G 186 13.09 -43.93 -17.59
CA LEU G 186 13.71 -43.56 -18.89
C LEU G 186 15.22 -43.82 -18.86
N LYS G 187 15.87 -43.48 -17.73
CA LYS G 187 17.31 -43.75 -17.48
C LYS G 187 17.52 -45.27 -17.43
N LYS G 188 16.73 -45.96 -16.61
CA LYS G 188 16.86 -47.41 -16.31
C LYS G 188 16.91 -48.23 -17.61
N VAL G 189 15.97 -47.98 -18.53
CA VAL G 189 15.82 -48.77 -19.79
C VAL G 189 16.69 -48.18 -20.91
N GLY G 190 17.34 -47.04 -20.64
CA GLY G 190 18.36 -46.45 -21.55
C GLY G 190 17.74 -45.55 -22.60
N VAL G 191 16.64 -44.88 -22.28
CA VAL G 191 16.08 -43.74 -23.06
C VAL G 191 16.67 -42.46 -22.47
N VAL G 192 17.84 -42.07 -23.00
CA VAL G 192 18.60 -40.84 -22.62
C VAL G 192 19.26 -40.29 -23.88
N PRO G 193 19.53 -38.98 -23.97
CA PRO G 193 20.17 -38.41 -25.16
C PRO G 193 21.42 -39.20 -25.53
N GLY G 194 21.60 -39.50 -26.83
CA GLY G 194 22.77 -40.23 -27.36
C GLY G 194 22.67 -41.73 -27.15
N ASN G 195 21.44 -42.27 -27.03
CA ASN G 195 21.17 -43.74 -27.02
C ASN G 195 20.24 -44.08 -28.18
N GLU G 196 20.62 -45.07 -29.00
CA GLU G 196 19.78 -45.63 -30.08
C GLU G 196 18.63 -46.41 -29.44
N ILE G 197 17.40 -46.18 -29.92
CA ILE G 197 16.16 -46.89 -29.45
C ILE G 197 15.38 -47.38 -30.67
N ASP G 198 14.50 -48.35 -30.44
CA ASP G 198 13.54 -48.88 -31.43
C ASP G 198 12.14 -48.45 -30.99
N ILE G 199 11.45 -47.69 -31.85
CA ILE G 199 10.05 -47.23 -31.64
C ILE G 199 9.11 -48.25 -32.29
N VAL G 200 8.15 -48.78 -31.51
CA VAL G 200 7.13 -49.74 -32.00
C VAL G 200 6.07 -48.94 -32.78
N ALA G 201 5.82 -49.33 -34.04
CA ALA G 201 4.76 -48.77 -34.89
C ALA G 201 3.43 -48.84 -34.13
N VAL G 202 2.61 -47.79 -34.24
CA VAL G 202 1.33 -47.65 -33.50
C VAL G 202 0.29 -46.99 -34.42
N ALA G 203 -0.99 -47.25 -34.15
CA ALA G 203 -2.16 -46.62 -34.82
C ALA G 203 -3.17 -46.17 -33.77
N GLY G 204 -3.77 -45.00 -33.98
CA GLY G 204 -4.74 -44.36 -33.06
C GLY G 204 -4.06 -43.41 -32.09
N VAL G 205 -4.46 -42.14 -32.09
CA VAL G 205 -4.02 -41.12 -31.10
C VAL G 205 -4.73 -41.45 -29.78
N ASN G 206 -4.20 -40.97 -28.66
CA ASN G 206 -4.68 -41.32 -27.28
C ASN G 206 -4.44 -42.80 -27.05
N LYS G 207 -3.30 -43.32 -27.51
CA LYS G 207 -2.82 -44.71 -27.26
C LYS G 207 -1.34 -44.67 -26.95
N PRO G 208 -0.87 -45.37 -25.88
CA PRO G 208 0.52 -45.28 -25.45
C PRO G 208 1.48 -45.90 -26.48
N ILE G 209 2.69 -45.34 -26.59
CA ILE G 209 3.73 -45.74 -27.58
C ILE G 209 4.77 -46.61 -26.86
N GLN G 210 5.00 -47.82 -27.39
CA GLN G 210 6.03 -48.78 -26.91
C GLN G 210 7.36 -48.42 -27.59
N VAL G 211 8.45 -48.37 -26.81
CA VAL G 211 9.83 -48.11 -27.31
C VAL G 211 10.79 -49.08 -26.62
N GLN G 212 11.76 -49.60 -27.36
CA GLN G 212 12.79 -50.53 -26.84
C GLN G 212 14.12 -49.79 -26.77
N GLY G 213 14.69 -49.71 -25.56
CA GLY G 213 16.04 -49.18 -25.29
C GLY G 213 17.04 -50.30 -25.05
N SER G 214 18.31 -49.96 -24.86
CA SER G 214 19.43 -50.90 -24.65
C SER G 214 19.13 -51.85 -23.49
N GLU G 215 18.58 -51.32 -22.38
CA GLU G 215 18.35 -52.07 -21.11
C GLU G 215 16.86 -52.40 -20.95
N GLY G 216 16.14 -52.62 -22.06
CA GLY G 216 14.73 -53.04 -22.06
C GLY G 216 13.83 -51.98 -22.68
N GLY G 217 12.51 -52.16 -22.54
CA GLY G 217 11.47 -51.30 -23.14
C GLY G 217 10.50 -50.77 -22.11
N THR G 218 9.60 -49.87 -22.53
CA THR G 218 8.60 -49.20 -21.66
C THR G 218 7.53 -48.52 -22.54
N GLN G 219 6.43 -48.10 -21.91
CA GLN G 219 5.28 -47.41 -22.57
C GLN G 219 5.37 -45.91 -22.28
N LEU G 220 5.23 -45.09 -23.33
CA LEU G 220 5.13 -43.60 -23.24
C LEU G 220 3.67 -43.19 -23.46
N GLN G 221 3.24 -42.10 -22.81
CA GLN G 221 1.94 -41.46 -23.06
C GLN G 221 2.06 -40.62 -24.34
N PRO G 222 0.94 -40.32 -25.04
CA PRO G 222 0.99 -39.55 -26.27
C PRO G 222 1.65 -38.18 -26.08
N GLY G 223 1.26 -37.47 -25.01
CA GLY G 223 1.85 -36.18 -24.59
C GLY G 223 3.35 -36.30 -24.34
N ILE G 224 3.78 -37.42 -23.75
CA ILE G 224 5.20 -37.70 -23.40
C ILE G 224 5.98 -37.95 -24.69
N ALA G 225 5.52 -38.90 -25.51
CA ALA G 225 6.15 -39.29 -26.79
C ALA G 225 6.23 -38.09 -27.74
N HIS G 226 5.25 -37.19 -27.68
CA HIS G 226 5.23 -35.91 -28.47
C HIS G 226 6.43 -35.06 -28.04
N ALA G 227 6.78 -35.12 -26.75
CA ALA G 227 7.78 -34.25 -26.08
C ALA G 227 9.17 -34.89 -26.07
N VAL G 228 9.38 -35.96 -26.84
CA VAL G 228 10.72 -36.59 -27.07
C VAL G 228 11.01 -36.55 -28.56
N MET G 229 12.13 -35.93 -28.95
CA MET G 229 12.57 -35.82 -30.37
C MET G 229 13.76 -36.77 -30.59
N VAL G 230 13.89 -37.28 -31.82
CA VAL G 230 14.94 -38.27 -32.21
C VAL G 230 15.31 -38.04 -33.68
N ARG G 231 16.42 -38.63 -34.13
CA ARG G 231 16.78 -38.75 -35.57
C ARG G 231 16.80 -40.24 -35.95
N VAL G 232 15.96 -40.62 -36.92
CA VAL G 232 15.79 -42.02 -37.42
C VAL G 232 17.06 -42.42 -38.18
N LYS G 233 17.56 -43.64 -37.93
CA LYS G 233 18.72 -44.24 -38.62
C LYS G 233 18.30 -45.57 -39.24
N GLY H 143 -3.19 42.04 5.18
CA GLY H 143 -3.93 40.99 5.93
C GLY H 143 -4.45 41.51 7.25
N ASP H 144 -5.51 42.34 7.20
CA ASP H 144 -6.19 42.97 8.36
C ASP H 144 -6.19 42.01 9.57
N SER H 145 -6.45 40.73 9.32
CA SER H 145 -6.56 39.65 10.34
C SER H 145 -5.27 39.54 11.17
N VAL H 146 -4.10 39.61 10.54
CA VAL H 146 -2.76 39.49 11.20
C VAL H 146 -2.33 40.88 11.70
N GLU H 147 -2.10 41.82 10.78
CA GLU H 147 -1.72 43.24 11.06
C GLU H 147 -2.92 44.14 10.78
N PRO H 148 -3.65 44.61 11.84
CA PRO H 148 -4.88 45.38 11.66
C PRO H 148 -4.70 46.64 10.79
N VAL H 149 -5.67 46.92 9.92
CA VAL H 149 -5.74 48.16 9.08
C VAL H 149 -6.00 49.34 10.01
N ASP H 150 -6.89 49.13 11.01
CA ASP H 150 -7.15 50.07 12.11
C ASP H 150 -6.01 49.96 13.14
N THR H 151 -4.94 50.76 12.96
CA THR H 151 -3.71 50.75 13.79
C THR H 151 -4.08 50.89 15.28
N ASP H 152 -5.15 51.63 15.57
CA ASP H 152 -5.64 51.95 16.94
C ASP H 152 -6.09 50.67 17.67
N LEU H 153 -6.28 49.56 16.96
CA LEU H 153 -6.59 48.24 17.57
C LEU H 153 -5.39 47.81 18.43
N ARG H 154 -5.64 47.53 19.70
CA ARG H 154 -4.63 47.19 20.72
C ARG H 154 -5.11 45.96 21.51
N ARG H 155 -4.19 45.21 22.11
CA ARG H 155 -4.50 43.98 22.88
C ARG H 155 -4.89 44.36 24.31
N VAL H 156 -5.85 43.65 24.89
CA VAL H 156 -6.45 43.92 26.23
C VAL H 156 -5.33 44.02 27.28
N ASP H 157 -4.40 43.04 27.26
CA ASP H 157 -3.24 43.00 28.18
C ASP H 157 -2.37 44.24 27.97
N GLU H 158 -2.10 44.59 26.71
CA GLU H 158 -1.24 45.76 26.35
C GLU H 158 -1.89 47.04 26.87
N VAL H 159 -3.22 47.16 26.74
CA VAL H 159 -3.99 48.32 27.25
C VAL H 159 -3.88 48.34 28.78
N ALA H 160 -4.15 47.21 29.44
CA ALA H 160 -4.09 47.03 30.91
C ALA H 160 -2.72 47.47 31.43
N ARG H 161 -1.65 46.88 30.90
CA ARG H 161 -0.25 47.16 31.30
C ARG H 161 0.10 48.62 30.98
N SER H 162 -0.56 49.23 29.98
CA SER H 162 -0.38 50.65 29.56
C SER H 162 -1.28 51.57 30.40
N GLY H 163 -2.00 51.03 31.39
CA GLY H 163 -2.74 51.81 32.40
C GLY H 163 -4.24 51.80 32.14
N GLY H 164 -4.80 50.64 31.82
CA GLY H 164 -6.25 50.42 31.64
C GLY H 164 -6.86 51.38 30.63
N GLY H 165 -8.19 51.50 30.64
CA GLY H 165 -8.96 52.44 29.79
C GLY H 165 -10.31 51.87 29.37
N ARG H 166 -11.24 52.75 28.98
CA ARG H 166 -12.53 52.38 28.34
C ARG H 166 -12.28 52.11 26.86
N ALA H 167 -12.65 50.93 26.38
CA ALA H 167 -12.40 50.47 24.98
C ALA H 167 -13.57 49.63 24.47
N LEU H 168 -13.79 49.67 23.16
CA LEU H 168 -14.83 48.88 22.43
C LEU H 168 -14.22 47.55 22.01
N VAL H 169 -14.82 46.43 22.44
CA VAL H 169 -14.47 45.06 22.00
C VAL H 169 -14.58 45.01 20.48
N CYS H 170 -13.51 44.61 19.78
CA CYS H 170 -13.47 44.51 18.30
C CYS H 170 -13.34 43.04 17.87
N ARG H 171 -12.31 42.33 18.34
CA ARG H 171 -12.03 40.93 17.91
C ARG H 171 -11.92 40.01 19.14
N ILE H 172 -12.34 38.76 18.99
CA ILE H 172 -12.08 37.63 19.94
C ILE H 172 -11.50 36.47 19.14
N ALA H 173 -10.18 36.29 19.20
CA ALA H 173 -9.39 35.33 18.40
C ALA H 173 -9.85 33.89 18.68
N GLU H 174 -9.49 32.98 17.77
CA GLU H 174 -10.00 31.57 17.72
C GLU H 174 -9.52 30.82 18.97
N HIS H 175 -8.37 31.22 19.52
CA HIS H 175 -7.80 30.68 20.79
C HIS H 175 -8.82 30.82 21.91
N VAL H 176 -9.36 32.02 22.11
CA VAL H 176 -10.35 32.34 23.18
C VAL H 176 -11.59 31.48 22.96
N GLN H 177 -12.03 31.35 21.71
CA GLN H 177 -13.27 30.66 21.31
C GLN H 177 -13.22 29.18 21.75
N LEU H 178 -12.01 28.60 21.83
CA LEU H 178 -11.79 27.16 22.11
C LEU H 178 -12.46 26.74 23.43
N ASP H 179 -12.47 27.63 24.44
CA ASP H 179 -13.12 27.38 25.74
C ASP H 179 -14.57 27.90 25.68
N PRO H 180 -15.58 27.01 25.65
CA PRO H 180 -16.98 27.44 25.60
C PRO H 180 -17.41 28.08 26.93
N ASP H 181 -17.16 27.39 28.04
CA ASP H 181 -17.50 27.85 29.42
C ASP H 181 -17.06 29.32 29.55
N LEU H 182 -15.86 29.65 29.06
CA LEU H 182 -15.31 31.02 29.03
C LEU H 182 -16.18 31.90 28.12
N MET H 183 -16.48 31.44 26.90
CA MET H 183 -17.29 32.19 25.91
C MET H 183 -18.68 32.47 26.49
N SER H 184 -19.24 31.52 27.25
CA SER H 184 -20.52 31.70 27.99
C SER H 184 -20.39 32.87 28.96
N GLU H 185 -19.33 32.86 29.77
CA GLU H 185 -18.98 33.93 30.75
C GLU H 185 -18.85 35.26 30.01
N LEU H 186 -18.08 35.29 28.91
CA LEU H 186 -17.80 36.52 28.12
C LEU H 186 -19.11 37.14 27.64
N LYS H 187 -20.01 36.33 27.09
CA LYS H 187 -21.36 36.76 26.67
C LYS H 187 -22.10 37.32 27.88
N LYS H 188 -22.22 36.50 28.93
CA LYS H 188 -23.00 36.80 30.17
C LYS H 188 -22.69 38.21 30.67
N VAL H 189 -21.40 38.54 30.83
CA VAL H 189 -20.94 39.82 31.46
C VAL H 189 -20.88 40.94 30.42
N GLY H 190 -21.06 40.62 29.13
CA GLY H 190 -21.19 41.61 28.05
C GLY H 190 -19.85 41.98 27.43
N VAL H 191 -18.90 41.03 27.41
CA VAL H 191 -17.65 41.10 26.61
C VAL H 191 -17.91 40.36 25.30
N VAL H 192 -18.39 41.10 24.30
CA VAL H 192 -18.68 40.63 22.91
C VAL H 192 -18.37 41.78 21.96
N PRO H 193 -18.04 41.51 20.68
CA PRO H 193 -17.76 42.58 19.73
C PRO H 193 -18.90 43.60 19.66
N GLY H 194 -18.56 44.89 19.67
CA GLY H 194 -19.52 46.01 19.63
C GLY H 194 -20.08 46.35 21.00
N ASN H 195 -19.36 45.99 22.08
CA ASN H 195 -19.68 46.40 23.47
C ASN H 195 -18.48 47.16 24.05
N GLU H 196 -18.72 48.35 24.62
CA GLU H 196 -17.70 49.12 25.38
C GLU H 196 -17.41 48.37 26.69
N ILE H 197 -16.14 48.27 27.07
CA ILE H 197 -15.69 47.65 28.35
C ILE H 197 -14.67 48.58 29.02
N ASP H 198 -14.49 48.41 30.32
CA ASP H 198 -13.41 49.06 31.12
C ASP H 198 -12.37 47.99 31.47
N ILE H 199 -11.11 48.24 31.10
CA ILE H 199 -9.94 47.36 31.40
C ILE H 199 -9.25 47.91 32.64
N VAL H 200 -9.10 47.09 33.69
CA VAL H 200 -8.42 47.45 34.96
C VAL H 200 -6.91 47.45 34.71
N ALA H 201 -6.25 48.58 34.91
CA ALA H 201 -4.77 48.74 34.86
C ALA H 201 -4.15 47.61 35.69
N VAL H 202 -3.12 46.94 35.15
CA VAL H 202 -2.41 45.81 35.80
C VAL H 202 -0.91 46.02 35.65
N ALA H 203 -0.12 45.33 36.48
CA ALA H 203 1.36 45.30 36.43
C ALA H 203 1.85 43.85 36.57
N GLY H 204 2.91 43.51 35.83
CA GLY H 204 3.52 42.17 35.80
C GLY H 204 2.75 41.22 34.90
N VAL H 205 3.43 40.57 33.95
CA VAL H 205 2.85 39.50 33.10
C VAL H 205 2.68 38.26 33.99
N ASN H 206 1.92 37.26 33.53
CA ASN H 206 1.50 36.06 34.32
C ASN H 206 0.59 36.51 35.46
N LYS H 207 -0.06 37.67 35.33
CA LYS H 207 -1.06 38.21 36.29
C LYS H 207 -2.38 38.38 35.55
N PRO H 208 -3.50 37.81 36.05
CA PRO H 208 -4.78 37.85 35.35
C PRO H 208 -5.34 39.27 35.26
N ILE H 209 -5.98 39.61 34.14
CA ILE H 209 -6.48 40.99 33.83
C ILE H 209 -7.98 41.07 34.15
N GLN H 210 -8.35 42.02 35.01
CA GLN H 210 -9.76 42.33 35.37
C GLN H 210 -10.33 43.29 34.30
N VAL H 211 -11.54 43.01 33.85
CA VAL H 211 -12.29 43.84 32.86
C VAL H 211 -13.75 43.95 33.31
N GLN H 212 -14.34 45.14 33.16
CA GLN H 212 -15.75 45.42 33.53
C GLN H 212 -16.58 45.60 32.26
N GLY H 213 -17.58 44.72 32.08
CA GLY H 213 -18.58 44.81 31.00
C GLY H 213 -19.90 45.38 31.51
N SER H 214 -20.85 45.59 30.61
CA SER H 214 -22.19 46.15 30.91
C SER H 214 -22.89 45.33 32.00
N GLU H 215 -22.81 44.00 31.93
CA GLU H 215 -23.52 43.05 32.83
C GLU H 215 -22.56 42.48 33.88
N GLY H 216 -21.56 43.27 34.31
CA GLY H 216 -20.59 42.89 35.35
C GLY H 216 -19.18 42.74 34.80
N GLY H 217 -18.29 42.13 35.58
CA GLY H 217 -16.87 41.97 35.26
C GLY H 217 -16.40 40.53 35.39
N THR H 218 -15.14 40.28 35.04
CA THR H 218 -14.51 38.93 35.07
C THR H 218 -12.99 39.07 34.93
N GLN H 219 -12.26 37.97 35.18
CA GLN H 219 -10.78 37.87 35.10
C GLN H 219 -10.40 37.11 33.83
N LEU H 220 -9.49 37.68 33.03
CA LEU H 220 -8.90 37.05 31.82
C LEU H 220 -7.50 36.53 32.16
N GLN H 221 -7.09 35.41 31.57
CA GLN H 221 -5.68 34.93 31.62
C GLN H 221 -4.86 35.75 30.64
N PRO H 222 -3.53 35.87 30.83
CA PRO H 222 -2.69 36.67 29.93
C PRO H 222 -2.84 36.25 28.46
N GLY H 223 -2.79 34.95 28.20
CA GLY H 223 -2.95 34.35 26.86
C GLY H 223 -4.33 34.67 26.28
N ILE H 224 -5.33 34.82 27.14
CA ILE H 224 -6.73 35.17 26.74
C ILE H 224 -6.79 36.66 26.42
N ALA H 225 -6.33 37.51 27.35
CA ALA H 225 -6.34 38.98 27.22
C ALA H 225 -5.49 39.42 26.02
N HIS H 226 -4.40 38.72 25.75
CA HIS H 226 -3.51 38.96 24.57
C HIS H 226 -4.32 38.75 23.29
N ALA H 227 -5.27 37.80 23.32
CA ALA H 227 -6.04 37.31 22.17
C ALA H 227 -7.35 38.08 21.96
N VAL H 228 -7.59 39.15 22.74
CA VAL H 228 -8.77 40.04 22.59
C VAL H 228 -8.28 41.44 22.18
N MET H 229 -8.76 41.94 21.04
CA MET H 229 -8.37 43.27 20.49
C MET H 229 -9.52 44.25 20.69
N VAL H 230 -9.20 45.52 20.96
CA VAL H 230 -10.18 46.60 21.28
C VAL H 230 -9.65 47.93 20.72
N ARG H 231 -10.54 48.90 20.51
CA ARG H 231 -10.16 50.32 20.25
C ARG H 231 -10.51 51.15 21.48
N VAL H 232 -9.51 51.79 22.08
CA VAL H 232 -9.63 52.68 23.27
C VAL H 232 -10.41 53.94 22.86
N LYS H 233 -11.41 54.32 23.64
CA LYS H 233 -12.18 55.58 23.46
C LYS H 233 -11.33 56.74 23.97
#